data_2BEV
#
_entry.id   2BEV
#
_cell.length_a   144.473
_cell.length_b   144.473
_cell.length_c   69.480
_cell.angle_alpha   90.00
_cell.angle_beta   90.00
_cell.angle_gamma   120.00
#
_symmetry.space_group_name_H-M   'P 31 2 1'
#
loop_
_entity.id
_entity.type
_entity.pdbx_description
1 polymer '2-OXOISOVALERATE DEHYDROGENASE ALPHA SUBUNIT'
2 polymer '2-OXOISOVALERATE DEHYDROGENASE BETA SUBUNIT'
3 polymer 'PEPTIDE ALA-TYR-ARG'
4 non-polymer 'C2-1-HYDROXY-2-METHYL-BUTYL-THIAMIN DIPHOSPHATE'
5 non-polymer 'POTASSIUM ION'
6 non-polymer 'MANGANESE (II) ION'
7 non-polymer 'CHLORIDE ION'
8 non-polymer GLYCEROL
9 water water
#
loop_
_entity_poly.entity_id
_entity_poly.type
_entity_poly.pdbx_seq_one_letter_code
_entity_poly.pdbx_strand_id
1 'polypeptide(L)'
;SSLDDKPQFPGASAEFIDKLEFIQPNVISGIPIYRVMDRQGQIINPSEDPHLPKEKVLKLYKSMTLLNTMDRILYESQRQ
GRISFYMTNYGEEGTHVGSAAALDNTDLVFGQYREAGVLMYRDYPLELFMAQCYGNISDLGKGRQMPVHYGCKERHFVTI
SSPLATQIPQAVGAAYAAKRANANRVVICYFGEGAASEGDAHAGFNFAATLECPIIFFCRNNGYAISTPTSEQYRGDGIA
ARGPGYGIMSIRVDGNDVFAVYNATKEARRRAVAENQPFLIEAMTYRIGHHSTSDDSSAYRSVDEVNYWDKQDHPISRLR
HYLLSQGWWDEEQEKAWRKQSRRKVMEAFEQAERKPKPNPNLLFSDVYQEMPAQLRKQQESLARHLQTYGEHYPLDHFDK
;
A
2 'polypeptide(L)'
;VAHFTFQPDPEPREYGQTQKMNLFQSVTSALDNSLAKDPTAVIFGEDVAFGGVFRCTVGLRDKYGKDRVFNTPLCEQGIV
GFGIGIAVTGATAIAEIQFADYIFPAFDQIVNEAAKYRYRSGDLFNCGSLTIRSPWGCVGHGALYHSQSPEAFFAHCPGI
KVVIPRSPFQAKGLLLSCIEDKNPCIFFEPKILYRAAAEEVPIEPYNIPLSQAEVIQEGSDVTLVAWGTQVHVIREVASM
AKEKLGVSCEVIDLRTIIPWDVDTICKSVIKTGRLLISHEAPLTGGFASEISSTVQEECFLNLEAPISRVCGYDTPFPHI
FEPFYIPDKWKCYDALRKMINY
;
B
3 'polypeptide(L)' AYR C
#
# COMPACT_ATOMS: atom_id res chain seq x y z
N LYS A 6 -26.47 -16.90 -33.98
CA LYS A 6 -25.26 -16.42 -33.22
C LYS A 6 -25.63 -15.65 -31.94
N PRO A 7 -24.95 -15.96 -30.83
CA PRO A 7 -25.24 -15.29 -29.57
C PRO A 7 -24.87 -13.83 -29.68
N GLN A 8 -25.62 -12.98 -28.98
CA GLN A 8 -25.44 -11.54 -29.07
C GLN A 8 -24.95 -10.89 -27.78
N PHE A 9 -24.69 -11.68 -26.75
CA PHE A 9 -24.48 -11.15 -25.42
C PHE A 9 -23.19 -10.32 -25.35
N PRO A 10 -23.24 -9.15 -24.70
CA PRO A 10 -22.02 -8.34 -24.60
C PRO A 10 -20.92 -9.02 -23.78
N GLY A 11 -21.29 -9.88 -22.81
CA GLY A 11 -20.29 -10.35 -21.81
C GLY A 11 -19.30 -11.44 -22.28
N ALA A 12 -19.57 -12.06 -23.43
CA ALA A 12 -18.70 -13.13 -23.93
C ALA A 12 -18.84 -13.25 -25.44
N SER A 13 -17.80 -13.82 -26.05
CA SER A 13 -17.80 -14.13 -27.49
C SER A 13 -17.82 -15.65 -27.61
N ALA A 14 -18.88 -16.22 -28.17
CA ALA A 14 -19.02 -17.66 -28.16
C ALA A 14 -20.13 -18.14 -29.09
N GLU A 15 -20.16 -19.44 -29.41
CA GLU A 15 -21.26 -20.02 -30.17
C GLU A 15 -22.32 -20.51 -29.19
N PHE A 16 -23.52 -20.83 -29.68
CA PHE A 16 -24.48 -21.59 -28.86
C PHE A 16 -24.06 -23.06 -28.86
N ILE A 17 -24.48 -23.77 -27.85
CA ILE A 17 -24.40 -25.25 -27.89
C ILE A 17 -25.79 -25.77 -27.48
N ASP A 18 -26.22 -26.87 -28.11
CA ASP A 18 -27.58 -27.34 -27.87
C ASP A 18 -27.61 -28.57 -26.93
N LYS A 19 -26.50 -28.86 -26.27
CA LYS A 19 -26.38 -29.98 -25.32
C LYS A 19 -25.75 -29.52 -24.00
N LEU A 20 -26.22 -30.07 -22.89
CA LEU A 20 -25.77 -29.62 -21.56
C LEU A 20 -24.48 -30.32 -21.22
N GLU A 21 -23.40 -29.55 -21.07
CA GLU A 21 -22.09 -30.12 -20.84
C GLU A 21 -21.35 -29.18 -19.89
N PHE A 22 -21.03 -29.64 -18.69
CA PHE A 22 -20.16 -28.87 -17.83
C PHE A 22 -18.72 -28.97 -18.26
N ILE A 23 -18.00 -27.87 -18.10
CA ILE A 23 -16.56 -27.83 -18.38
C ILE A 23 -15.87 -28.40 -17.15
N GLN A 24 -15.08 -29.45 -17.34
CA GLN A 24 -14.31 -30.07 -16.25
C GLN A 24 -12.92 -29.48 -16.24
N PRO A 25 -12.36 -29.21 -15.07
CA PRO A 25 -10.94 -28.83 -14.99
C PRO A 25 -10.02 -30.01 -15.33
N ASN A 26 -8.88 -29.72 -15.96
CA ASN A 26 -7.83 -30.73 -16.22
C ASN A 26 -6.81 -30.68 -15.10
N VAL A 27 -7.03 -31.43 -14.01
CA VAL A 27 -6.09 -31.28 -12.90
C VAL A 27 -5.05 -32.41 -12.88
N ILE A 28 -5.47 -33.63 -13.19
CA ILE A 28 -4.54 -34.76 -13.27
C ILE A 28 -3.51 -34.55 -14.37
N SER A 29 -3.95 -34.09 -15.55
CA SER A 29 -2.98 -33.75 -16.62
C SER A 29 -2.96 -32.25 -16.77
N GLY A 30 -2.25 -31.63 -15.84
CA GLY A 30 -2.20 -30.20 -15.82
C GLY A 30 -1.29 -29.64 -16.89
N ILE A 31 -1.05 -28.36 -16.76
CA ILE A 31 -0.22 -27.65 -17.71
C ILE A 31 1.17 -28.24 -17.51
N PRO A 32 1.84 -28.60 -18.61
CA PRO A 32 3.09 -29.32 -18.49
C PRO A 32 4.19 -28.40 -17.93
N ILE A 33 5.26 -29.02 -17.42
CA ILE A 33 6.34 -28.31 -16.76
C ILE A 33 7.50 -28.15 -17.75
N TYR A 34 7.76 -26.90 -18.14
CA TYR A 34 8.84 -26.70 -19.11
C TYR A 34 10.21 -26.94 -18.48
N ARG A 35 11.04 -27.77 -19.11
N ARG A 35 11.02 -27.73 -19.19
CA ARG A 35 12.38 -28.05 -18.59
CA ARG A 35 12.35 -28.05 -18.74
C ARG A 35 13.42 -28.15 -19.72
C ARG A 35 13.35 -27.88 -19.87
N VAL A 36 14.59 -27.52 -19.50
CA VAL A 36 15.67 -27.34 -20.49
C VAL A 36 16.82 -28.31 -20.22
N MET A 37 17.18 -28.46 -18.95
CA MET A 37 18.29 -29.38 -18.65
C MET A 37 17.82 -30.44 -17.66
N ASP A 38 18.31 -31.67 -17.77
CA ASP A 38 17.86 -32.71 -16.85
C ASP A 38 18.55 -32.58 -15.49
N ARG A 39 18.32 -33.52 -14.57
CA ARG A 39 18.92 -33.38 -13.23
C ARG A 39 20.43 -33.60 -13.22
N GLN A 40 20.97 -34.15 -14.30
CA GLN A 40 22.42 -34.25 -14.52
C GLN A 40 23.05 -33.08 -15.28
N GLY A 41 22.30 -31.97 -15.44
CA GLY A 41 22.81 -30.76 -16.10
C GLY A 41 23.00 -30.91 -17.60
N GLN A 42 22.32 -31.90 -18.18
CA GLN A 42 22.37 -32.11 -19.61
C GLN A 42 21.24 -31.39 -20.33
N ILE A 43 21.55 -30.71 -21.44
CA ILE A 43 20.50 -30.04 -22.26
C ILE A 43 19.65 -31.09 -22.99
N ILE A 44 18.35 -31.02 -22.82
CA ILE A 44 17.43 -32.00 -23.37
C ILE A 44 17.12 -31.77 -24.85
N ASN A 45 16.92 -30.51 -25.24
CA ASN A 45 16.44 -30.14 -26.59
C ASN A 45 17.31 -28.97 -27.08
N PRO A 46 18.29 -29.24 -27.94
CA PRO A 46 19.23 -28.21 -28.40
C PRO A 46 18.58 -26.92 -28.85
N SER A 47 17.42 -26.98 -29.48
CA SER A 47 16.75 -25.78 -29.94
C SER A 47 16.28 -24.83 -28.78
N GLU A 48 16.27 -25.30 -27.53
CA GLU A 48 15.84 -24.54 -26.36
C GLU A 48 17.02 -24.03 -25.53
N ASP A 49 18.25 -24.39 -25.95
CA ASP A 49 19.42 -24.01 -25.18
C ASP A 49 19.66 -22.50 -25.41
N PRO A 50 19.70 -21.68 -24.36
CA PRO A 50 19.90 -20.25 -24.58
C PRO A 50 21.35 -19.93 -24.89
N HIS A 51 22.23 -20.92 -24.80
CA HIS A 51 23.69 -20.68 -24.99
C HIS A 51 24.14 -19.37 -24.30
N LEU A 52 23.88 -19.24 -23.01
CA LEU A 52 24.34 -18.09 -22.26
C LEU A 52 25.87 -18.17 -22.18
N PRO A 53 26.56 -17.05 -22.28
CA PRO A 53 28.01 -17.06 -22.25
C PRO A 53 28.54 -17.45 -20.89
N LYS A 54 29.75 -18.00 -20.91
CA LYS A 54 30.44 -18.49 -19.71
C LYS A 54 30.38 -17.57 -18.50
N GLU A 55 30.72 -16.29 -18.68
CA GLU A 55 30.76 -15.33 -17.56
C GLU A 55 29.40 -15.18 -16.92
N LYS A 56 28.35 -15.19 -17.73
CA LYS A 56 26.97 -15.07 -17.21
C LYS A 56 26.53 -16.33 -16.44
N VAL A 57 26.82 -17.50 -17.00
CA VAL A 57 26.50 -18.72 -16.31
C VAL A 57 27.31 -18.83 -14.99
N LEU A 58 28.58 -18.43 -15.03
CA LEU A 58 29.35 -18.39 -13.77
C LEU A 58 28.75 -17.44 -12.74
N LYS A 59 28.25 -16.30 -13.21
CA LYS A 59 27.54 -15.36 -12.28
C LYS A 59 26.27 -15.99 -11.71
N LEU A 60 25.51 -16.74 -12.51
CA LEU A 60 24.32 -17.43 -11.95
C LEU A 60 24.79 -18.35 -10.83
N TYR A 61 25.84 -19.10 -11.09
CA TYR A 61 26.29 -20.09 -10.12
C TYR A 61 26.85 -19.46 -8.85
N LYS A 62 27.71 -18.48 -9.03
CA LYS A 62 28.32 -17.78 -7.87
C LYS A 62 27.28 -17.06 -7.05
N SER A 63 26.31 -16.46 -7.72
CA SER A 63 25.20 -15.82 -7.01
C SER A 63 24.43 -16.81 -6.13
N MET A 64 24.06 -17.98 -6.68
N MET A 64 24.10 -17.98 -6.69
CA MET A 64 23.29 -18.92 -5.86
CA MET A 64 23.34 -18.97 -5.92
C MET A 64 24.11 -19.46 -4.68
C MET A 64 24.11 -19.48 -4.71
N THR A 65 25.39 -19.77 -4.90
CA THR A 65 26.23 -20.30 -3.80
C THR A 65 26.61 -19.22 -2.76
N LEU A 66 26.80 -17.98 -3.21
CA LEU A 66 27.03 -16.91 -2.24
C LEU A 66 25.78 -16.71 -1.38
N LEU A 67 24.59 -16.78 -1.99
CA LEU A 67 23.35 -16.70 -1.23
C LEU A 67 23.26 -17.84 -0.23
N ASN A 68 23.61 -19.03 -0.70
CA ASN A 68 23.57 -20.20 0.16
C ASN A 68 24.53 -20.08 1.38
N THR A 69 25.72 -19.55 1.16
CA THR A 69 26.70 -19.30 2.22
C THR A 69 26.15 -18.27 3.21
N MET A 70 25.53 -17.22 2.69
CA MET A 70 24.96 -16.18 3.56
C MET A 70 23.81 -16.74 4.39
N ASP A 71 22.92 -17.49 3.75
CA ASP A 71 21.78 -18.14 4.42
C ASP A 71 22.27 -18.98 5.60
N ARG A 72 23.32 -19.77 5.36
CA ARG A 72 23.80 -20.68 6.43
C ARG A 72 24.28 -19.90 7.64
N ILE A 73 25.08 -18.87 7.38
CA ILE A 73 25.61 -18.04 8.45
C ILE A 73 24.52 -17.26 9.22
N LEU A 74 23.60 -16.61 8.47
CA LEU A 74 22.59 -15.81 9.13
C LEU A 74 21.56 -16.70 9.85
N TYR A 75 21.29 -17.91 9.29
CA TYR A 75 20.39 -18.82 10.01
C TYR A 75 21.04 -19.13 11.38
N GLU A 76 22.34 -19.44 11.36
CA GLU A 76 23.06 -19.68 12.62
C GLU A 76 23.04 -18.47 13.54
N SER A 77 23.24 -17.28 12.97
CA SER A 77 23.21 -16.04 13.80
C SER A 77 21.85 -15.94 14.52
N GLN A 78 20.78 -16.27 13.80
CA GLN A 78 19.45 -16.22 14.40
C GLN A 78 19.30 -17.22 15.54
N ARG A 79 19.68 -18.46 15.29
CA ARG A 79 19.67 -19.48 16.34
C ARG A 79 20.40 -19.05 17.61
N GLN A 80 21.44 -18.23 17.46
CA GLN A 80 22.20 -17.77 18.61
C GLN A 80 21.60 -16.51 19.25
N GLY A 81 20.62 -15.90 18.61
CA GLY A 81 19.97 -14.69 19.14
C GLY A 81 20.70 -13.41 18.74
N ARG A 82 21.58 -13.49 17.74
CA ARG A 82 22.34 -12.30 17.34
C ARG A 82 21.51 -11.41 16.39
N ILE A 83 20.67 -12.05 15.56
CA ILE A 83 19.57 -11.37 14.85
C ILE A 83 18.21 -11.94 15.28
N SER A 84 17.15 -11.17 15.09
CA SER A 84 15.86 -11.58 15.70
C SER A 84 15.11 -12.63 14.86
N PHE A 85 15.44 -12.78 13.56
CA PHE A 85 14.61 -13.58 12.65
C PHE A 85 15.40 -13.82 11.40
N TYR A 86 15.11 -14.92 10.72
CA TYR A 86 15.69 -15.13 9.40
C TYR A 86 14.83 -16.10 8.59
N MET A 87 14.96 -16.01 7.26
CA MET A 87 14.29 -16.95 6.37
C MET A 87 15.23 -17.33 5.27
N THR A 88 15.46 -18.62 5.08
CA THR A 88 16.42 -19.09 4.05
C THR A 88 15.75 -19.24 2.68
N ASN A 89 16.59 -19.44 1.69
CA ASN A 89 16.14 -19.56 0.31
C ASN A 89 16.40 -20.94 -0.28
N TYR A 90 16.63 -21.94 0.58
CA TYR A 90 17.10 -23.25 0.13
C TYR A 90 16.16 -23.91 -0.85
N GLY A 91 16.69 -24.29 -2.01
CA GLY A 91 15.94 -25.07 -2.99
C GLY A 91 15.36 -24.16 -4.05
N GLU A 92 15.29 -22.85 -3.75
CA GLU A 92 14.64 -21.86 -4.64
C GLU A 92 15.63 -20.88 -5.25
N GLU A 93 16.93 -21.16 -5.10
CA GLU A 93 17.94 -20.21 -5.58
C GLU A 93 17.93 -20.09 -7.12
N GLY A 94 17.54 -21.17 -7.79
CA GLY A 94 17.48 -21.15 -9.27
C GLY A 94 16.38 -20.21 -9.78
N THR A 95 15.24 -20.18 -9.10
CA THR A 95 14.15 -19.34 -9.58
C THR A 95 14.62 -17.89 -9.51
N HIS A 96 15.39 -17.52 -8.47
CA HIS A 96 15.75 -16.13 -8.30
C HIS A 96 16.73 -15.69 -9.36
N VAL A 97 17.83 -16.44 -9.53
CA VAL A 97 18.88 -16.01 -10.44
C VAL A 97 18.53 -16.20 -11.90
N GLY A 98 17.83 -17.28 -12.23
CA GLY A 98 17.33 -17.55 -13.57
C GLY A 98 16.45 -16.40 -14.02
N SER A 99 15.54 -15.94 -13.14
CA SER A 99 14.67 -14.88 -13.56
C SER A 99 15.36 -13.52 -13.58
N ALA A 100 16.16 -13.23 -12.56
CA ALA A 100 16.80 -11.93 -12.52
C ALA A 100 17.71 -11.75 -13.72
N ALA A 101 18.36 -12.83 -14.17
CA ALA A 101 19.33 -12.68 -15.28
C ALA A 101 18.65 -12.33 -16.61
N ALA A 102 17.36 -12.65 -16.69
CA ALA A 102 16.54 -12.39 -17.88
C ALA A 102 15.93 -10.99 -17.88
N LEU A 103 16.06 -10.27 -16.78
CA LEU A 103 15.53 -8.91 -16.72
C LEU A 103 16.54 -7.88 -17.16
N ASP A 104 16.06 -6.73 -17.61
N ASP A 104 16.04 -6.73 -17.57
CA ASP A 104 16.94 -5.59 -17.76
CA ASP A 104 16.87 -5.55 -17.69
C ASP A 104 17.23 -5.04 -16.35
C ASP A 104 17.24 -5.06 -16.30
N ASN A 105 18.41 -4.44 -16.18
CA ASN A 105 18.88 -3.91 -14.88
C ASN A 105 17.92 -2.98 -14.21
N THR A 106 17.24 -2.16 -15.04
CA THR A 106 16.27 -1.20 -14.49
C THR A 106 14.82 -1.65 -14.46
N ASP A 107 14.53 -2.91 -14.80
CA ASP A 107 13.17 -3.44 -14.60
C ASP A 107 12.87 -3.43 -13.12
N LEU A 108 11.65 -3.00 -12.77
CA LEU A 108 11.31 -2.82 -11.35
C LEU A 108 10.83 -4.12 -10.73
N VAL A 109 11.35 -4.47 -9.54
CA VAL A 109 11.00 -5.78 -8.91
C VAL A 109 10.15 -5.54 -7.66
N PHE A 110 9.03 -6.26 -7.54
CA PHE A 110 8.27 -6.32 -6.27
C PHE A 110 8.34 -7.78 -5.85
N GLY A 111 8.52 -8.01 -4.55
CA GLY A 111 8.68 -9.39 -4.08
C GLY A 111 7.89 -9.70 -2.85
N GLN A 112 8.21 -10.85 -2.24
CA GLN A 112 7.45 -11.33 -1.08
C GLN A 112 8.28 -11.40 0.17
N TYR A 113 9.47 -12.04 0.04
CA TYR A 113 10.48 -12.20 1.11
C TYR A 113 11.47 -13.32 0.79
N ARG A 114 11.15 -14.20 -0.18
CA ARG A 114 12.04 -15.33 -0.41
C ARG A 114 12.60 -15.23 -1.81
N GLU A 115 13.15 -14.05 -2.14
CA GLU A 115 13.69 -13.73 -3.47
C GLU A 115 15.02 -12.99 -3.35
N ALA A 116 15.77 -13.26 -2.27
CA ALA A 116 17.00 -12.46 -2.04
C ALA A 116 18.05 -12.69 -3.12
N GLY A 117 17.96 -13.85 -3.78
CA GLY A 117 18.88 -14.11 -4.92
C GLY A 117 18.75 -13.07 -6.03
N VAL A 118 17.59 -12.47 -6.19
CA VAL A 118 17.41 -11.45 -7.22
C VAL A 118 18.29 -10.24 -6.87
N LEU A 119 18.23 -9.79 -5.62
CA LEU A 119 19.15 -8.74 -5.14
C LEU A 119 20.60 -9.17 -5.27
N MET A 120 20.91 -10.40 -4.89
N MET A 120 20.91 -10.42 -4.91
CA MET A 120 22.31 -10.80 -5.00
CA MET A 120 22.28 -10.91 -4.98
C MET A 120 22.76 -10.66 -6.45
C MET A 120 22.81 -10.84 -6.43
N TYR A 121 21.93 -11.13 -7.38
CA TYR A 121 22.31 -11.13 -8.79
C TYR A 121 22.54 -9.68 -9.24
N ARG A 122 21.76 -8.74 -8.73
CA ARG A 122 21.92 -7.32 -9.00
C ARG A 122 23.04 -6.64 -8.15
N ASP A 123 23.88 -7.47 -7.54
CA ASP A 123 25.09 -6.99 -6.82
C ASP A 123 24.83 -6.17 -5.55
N TYR A 124 23.75 -6.49 -4.86
CA TYR A 124 23.43 -5.82 -3.59
C TYR A 124 24.55 -6.23 -2.64
N PRO A 125 25.18 -5.27 -1.96
CA PRO A 125 26.33 -5.61 -1.14
C PRO A 125 25.99 -6.51 0.05
N LEU A 126 26.85 -7.48 0.33
CA LEU A 126 26.72 -8.24 1.54
C LEU A 126 26.52 -7.35 2.78
N GLU A 127 27.24 -6.23 2.81
CA GLU A 127 27.11 -5.31 3.95
C GLU A 127 25.68 -4.81 4.18
N LEU A 128 24.92 -4.64 3.08
CA LEU A 128 23.55 -4.12 3.16
C LEU A 128 22.54 -5.22 3.49
N PHE A 129 22.74 -6.43 2.98
CA PHE A 129 21.87 -7.53 3.46
C PHE A 129 22.02 -7.61 4.99
N MET A 130 23.28 -7.65 5.45
N MET A 130 23.25 -7.58 5.49
CA MET A 130 23.62 -7.75 6.88
CA MET A 130 23.45 -7.79 6.91
C MET A 130 23.01 -6.58 7.67
C MET A 130 23.10 -6.56 7.74
N ALA A 131 23.19 -5.36 7.16
CA ALA A 131 22.75 -4.12 7.87
C ALA A 131 21.22 -4.19 8.15
N GLN A 132 20.47 -4.68 7.17
CA GLN A 132 19.01 -4.80 7.34
C GLN A 132 18.71 -5.84 8.42
N CYS A 133 19.38 -6.98 8.37
CA CYS A 133 19.07 -8.07 9.33
C CYS A 133 19.45 -7.65 10.75
N TYR A 134 20.55 -6.88 10.88
CA TYR A 134 20.97 -6.40 12.17
C TYR A 134 20.28 -5.10 12.60
N GLY A 135 19.62 -4.45 11.65
CA GLY A 135 19.05 -3.13 11.93
C GLY A 135 20.11 -2.14 12.37
N ASN A 136 21.26 -2.15 11.70
CA ASN A 136 22.36 -1.25 12.22
C ASN A 136 22.39 0.11 11.50
N ILE A 137 23.37 0.96 11.81
CA ILE A 137 23.36 2.33 11.27
C ILE A 137 23.53 2.41 9.78
N SER A 138 24.06 1.34 9.17
CA SER A 138 24.25 1.29 7.71
C SER A 138 22.98 0.91 6.96
N ASP A 139 21.93 0.55 7.70
CA ASP A 139 20.70 0.07 7.03
C ASP A 139 19.94 1.30 6.51
N LEU A 140 19.68 1.36 5.20
CA LEU A 140 18.93 2.51 4.67
C LEU A 140 17.48 2.45 5.10
N GLY A 141 17.05 1.27 5.56
CA GLY A 141 15.72 1.13 6.13
C GLY A 141 15.65 1.57 7.59
N LYS A 142 16.75 2.06 8.14
CA LYS A 142 16.83 2.65 9.47
C LYS A 142 16.40 1.67 10.59
N GLY A 143 16.59 0.38 10.31
CA GLY A 143 16.33 -0.69 11.30
C GLY A 143 14.84 -0.86 11.66
N ARG A 144 13.94 -0.31 10.84
CA ARG A 144 12.54 -0.29 11.22
C ARG A 144 11.81 -1.58 10.97
N GLN A 145 12.28 -2.35 9.98
CA GLN A 145 11.51 -3.61 9.62
C GLN A 145 12.23 -4.85 10.13
N MET A 146 11.49 -5.96 10.29
N MET A 146 11.48 -5.95 10.25
CA MET A 146 12.17 -7.20 10.68
CA MET A 146 12.09 -7.26 10.56
C MET A 146 13.14 -7.66 9.58
C MET A 146 13.15 -7.65 9.54
N PRO A 147 14.10 -8.51 9.94
CA PRO A 147 15.12 -8.99 9.00
C PRO A 147 14.52 -9.60 7.72
N VAL A 148 15.30 -9.55 6.66
CA VAL A 148 14.98 -10.05 5.30
C VAL A 148 13.91 -9.21 4.56
N HIS A 149 13.52 -8.09 5.16
CA HIS A 149 12.64 -7.16 4.48
C HIS A 149 13.44 -6.12 3.71
N TYR A 150 14.10 -6.59 2.65
CA TYR A 150 15.11 -5.79 1.97
C TYR A 150 14.45 -4.84 1.00
N GLY A 151 15.20 -3.82 0.57
CA GLY A 151 14.71 -2.90 -0.46
C GLY A 151 15.95 -2.12 -0.96
N CYS A 152 15.93 -1.72 -2.23
CA CYS A 152 17.09 -0.97 -2.75
C CYS A 152 16.56 -0.09 -3.87
N LYS A 153 16.56 1.22 -3.67
CA LYS A 153 16.07 2.11 -4.73
C LYS A 153 17.06 2.08 -5.94
N GLU A 154 18.36 2.00 -5.65
CA GLU A 154 19.39 2.00 -6.71
C GLU A 154 19.21 0.81 -7.68
N ARG A 155 18.86 -0.35 -7.13
CA ARG A 155 18.69 -1.57 -7.91
C ARG A 155 17.21 -1.91 -8.18
N HIS A 156 16.30 -0.94 -7.98
CA HIS A 156 14.93 -1.07 -8.46
C HIS A 156 14.29 -2.31 -7.86
N PHE A 157 14.44 -2.47 -6.55
CA PHE A 157 13.88 -3.62 -5.81
C PHE A 157 13.04 -3.03 -4.66
N VAL A 158 11.72 -2.98 -4.87
CA VAL A 158 10.84 -2.24 -3.94
C VAL A 158 10.85 -2.96 -2.58
N THR A 159 10.92 -2.19 -1.52
CA THR A 159 11.00 -2.73 -0.15
C THR A 159 9.92 -3.79 0.12
N ILE A 160 10.39 -4.92 0.61
CA ILE A 160 9.53 -6.06 0.96
C ILE A 160 8.66 -5.65 2.13
N SER A 161 7.40 -6.09 2.13
CA SER A 161 6.60 -5.97 3.36
C SER A 161 5.93 -7.31 3.74
N SER A 162 5.67 -7.51 5.03
CA SER A 162 5.13 -8.80 5.52
C SER A 162 3.74 -9.16 4.98
N PRO A 163 2.79 -8.23 4.88
CA PRO A 163 1.45 -8.61 4.44
C PRO A 163 1.47 -9.28 3.07
N LEU A 164 0.97 -10.51 3.00
CA LEU A 164 1.17 -11.30 1.75
C LEU A 164 0.28 -10.78 0.60
N ALA A 165 0.85 -10.79 -0.61
CA ALA A 165 0.15 -10.47 -1.89
C ALA A 165 -0.17 -8.99 -2.07
N THR A 166 0.04 -8.14 -1.05
CA THR A 166 -0.30 -6.70 -1.25
C THR A 166 0.47 -6.07 -2.39
N GLN A 167 1.64 -6.63 -2.69
CA GLN A 167 2.45 -6.04 -3.76
C GLN A 167 1.93 -6.39 -5.14
N ILE A 168 1.01 -7.34 -5.22
CA ILE A 168 0.54 -7.76 -6.54
C ILE A 168 -0.21 -6.62 -7.27
N PRO A 169 -1.28 -6.07 -6.71
CA PRO A 169 -1.93 -4.95 -7.43
C PRO A 169 -1.01 -3.69 -7.47
N GLN A 170 -0.10 -3.55 -6.52
CA GLN A 170 0.83 -2.40 -6.57
C GLN A 170 1.72 -2.50 -7.79
N ALA A 171 2.25 -3.71 -8.00
CA ALA A 171 3.17 -3.93 -9.12
C ALA A 171 2.44 -3.62 -10.45
N VAL A 172 1.16 -3.97 -10.52
CA VAL A 172 0.34 -3.64 -11.67
C VAL A 172 0.24 -2.12 -11.91
N GLY A 173 0.03 -1.35 -10.83
CA GLY A 173 -0.04 0.11 -10.95
C GLY A 173 1.30 0.65 -11.44
N ALA A 174 2.39 0.12 -10.88
CA ALA A 174 3.72 0.61 -11.34
C ALA A 174 3.95 0.28 -12.83
N ALA A 175 3.39 -0.86 -13.27
CA ALA A 175 3.51 -1.28 -14.69
C ALA A 175 2.64 -0.36 -15.58
N TYR A 176 1.48 0.06 -15.06
CA TYR A 176 0.61 0.94 -15.86
C TYR A 176 1.35 2.29 -16.01
N ALA A 177 1.98 2.75 -14.92
CA ALA A 177 2.69 4.05 -14.93
C ALA A 177 3.86 3.99 -15.91
N ALA A 178 4.55 2.84 -15.93
CA ALA A 178 5.69 2.63 -16.82
C ALA A 178 5.23 2.71 -18.27
N LYS A 179 4.07 2.14 -18.54
CA LYS A 179 3.53 2.14 -19.91
C LYS A 179 3.29 3.58 -20.35
N ARG A 180 2.66 4.36 -19.46
CA ARG A 180 2.34 5.74 -19.74
C ARG A 180 3.60 6.54 -19.97
N ALA A 181 4.66 6.22 -19.22
CA ALA A 181 5.88 7.00 -19.27
C ALA A 181 6.67 6.65 -20.53
N ASN A 182 6.19 5.64 -21.23
CA ASN A 182 6.89 5.09 -22.37
C ASN A 182 8.29 4.64 -22.04
N ALA A 183 8.35 3.88 -20.96
CA ALA A 183 9.56 3.40 -20.32
C ALA A 183 10.46 2.36 -21.09
N ASN A 184 9.88 1.50 -21.95
CA ASN A 184 10.54 0.22 -22.32
C ASN A 184 11.08 -0.49 -21.05
N ARG A 185 10.21 -0.64 -20.10
CA ARG A 185 10.54 -1.23 -18.81
C ARG A 185 9.40 -2.20 -18.51
N VAL A 186 9.71 -3.26 -17.78
N VAL A 186 9.72 -3.31 -17.87
CA VAL A 186 8.73 -4.24 -17.36
CA VAL A 186 8.73 -4.24 -17.34
C VAL A 186 8.81 -4.36 -15.83
C VAL A 186 8.76 -4.15 -15.82
N VAL A 187 7.69 -4.61 -15.16
CA VAL A 187 7.70 -4.84 -13.72
C VAL A 187 7.58 -6.34 -13.55
N ILE A 188 8.35 -6.90 -12.62
CA ILE A 188 8.15 -8.29 -12.24
C ILE A 188 7.66 -8.32 -10.80
N CYS A 189 6.75 -9.25 -10.51
CA CYS A 189 6.12 -9.34 -9.19
C CYS A 189 6.18 -10.79 -8.72
N TYR A 190 7.00 -11.05 -7.70
CA TYR A 190 7.13 -12.42 -7.20
C TYR A 190 6.18 -12.64 -6.00
N PHE A 191 5.68 -13.86 -5.89
CA PHE A 191 4.82 -14.24 -4.75
C PHE A 191 4.76 -15.79 -4.70
N GLY A 192 4.36 -16.30 -3.53
CA GLY A 192 4.30 -17.76 -3.32
C GLY A 192 2.93 -18.30 -3.67
N GLU A 193 2.79 -19.63 -3.66
CA GLU A 193 1.53 -20.19 -4.05
C GLU A 193 0.47 -19.97 -2.95
N GLY A 194 0.88 -19.84 -1.68
CA GLY A 194 -0.07 -19.55 -0.58
C GLY A 194 -0.54 -18.11 -0.79
N ALA A 195 0.40 -17.17 -1.00
CA ALA A 195 0.02 -15.74 -1.21
C ALA A 195 -1.02 -15.60 -2.36
N ALA A 196 -0.93 -16.47 -3.36
CA ALA A 196 -1.84 -16.40 -4.51
C ALA A 196 -3.30 -16.64 -4.15
N SER A 197 -3.54 -17.19 -2.95
CA SER A 197 -4.95 -17.37 -2.46
C SER A 197 -5.59 -16.07 -1.99
N GLU A 198 -4.76 -15.03 -1.79
CA GLU A 198 -5.26 -13.73 -1.24
C GLU A 198 -6.13 -13.00 -2.29
N GLY A 199 -7.14 -12.25 -1.83
CA GLY A 199 -7.97 -11.43 -2.73
C GLY A 199 -7.12 -10.52 -3.63
N ASP A 200 -6.02 -9.99 -3.10
CA ASP A 200 -5.17 -9.08 -3.87
C ASP A 200 -4.58 -9.71 -5.09
N ALA A 201 -4.43 -11.05 -5.09
CA ALA A 201 -3.95 -11.68 -6.31
C ALA A 201 -4.98 -11.61 -7.46
N HIS A 202 -6.25 -11.79 -7.11
CA HIS A 202 -7.34 -11.73 -8.08
C HIS A 202 -7.47 -10.28 -8.57
N ALA A 203 -7.35 -9.33 -7.64
CA ALA A 203 -7.30 -7.89 -7.98
C ALA A 203 -6.19 -7.63 -9.02
N GLY A 204 -4.96 -7.99 -8.69
CA GLY A 204 -3.82 -7.70 -9.55
C GLY A 204 -3.92 -8.39 -10.91
N PHE A 205 -4.25 -9.69 -10.94
CA PHE A 205 -4.28 -10.38 -12.22
C PHE A 205 -5.30 -9.72 -13.15
N ASN A 206 -6.48 -9.41 -12.62
CA ASN A 206 -7.55 -8.88 -13.46
C ASN A 206 -7.20 -7.47 -13.93
N PHE A 207 -6.69 -6.65 -13.00
CA PHE A 207 -6.35 -5.28 -13.42
C PHE A 207 -5.28 -5.30 -14.52
N ALA A 208 -4.28 -6.18 -14.37
CA ALA A 208 -3.16 -6.15 -15.34
C ALA A 208 -3.67 -6.50 -16.73
N ALA A 209 -4.65 -7.42 -16.80
CA ALA A 209 -5.23 -7.80 -18.12
C ALA A 209 -6.10 -6.69 -18.68
N THR A 210 -7.00 -6.18 -17.85
N THR A 210 -7.02 -6.15 -17.88
CA THR A 210 -7.97 -5.22 -18.32
CA THR A 210 -7.99 -5.18 -18.38
C THR A 210 -7.30 -3.92 -18.74
C THR A 210 -7.39 -3.80 -18.66
N LEU A 211 -6.30 -3.50 -17.96
CA LEU A 211 -5.62 -2.22 -18.15
C LEU A 211 -4.37 -2.35 -19.01
N GLU A 212 -4.08 -3.58 -19.48
CA GLU A 212 -3.03 -3.85 -20.46
C GLU A 212 -1.67 -3.37 -19.94
N CYS A 213 -1.20 -4.04 -18.88
CA CYS A 213 0.06 -3.62 -18.24
C CYS A 213 1.22 -4.59 -18.53
N PRO A 214 2.44 -4.04 -18.71
CA PRO A 214 3.65 -4.79 -19.03
C PRO A 214 4.24 -5.34 -17.72
N ILE A 215 3.63 -6.42 -17.26
CA ILE A 215 4.07 -7.04 -16.01
C ILE A 215 4.22 -8.56 -16.13
N ILE A 216 5.22 -9.10 -15.44
CA ILE A 216 5.35 -10.54 -15.29
C ILE A 216 4.99 -10.88 -13.86
N PHE A 217 4.01 -11.75 -13.71
CA PHE A 217 3.66 -12.31 -12.38
C PHE A 217 4.47 -13.61 -12.27
N PHE A 218 5.24 -13.73 -11.20
CA PHE A 218 6.17 -14.87 -11.06
C PHE A 218 5.82 -15.58 -9.75
N CYS A 219 5.19 -16.75 -9.85
CA CYS A 219 4.74 -17.45 -8.63
C CYS A 219 5.75 -18.55 -8.33
N ARG A 220 6.32 -18.54 -7.14
CA ARG A 220 7.16 -19.66 -6.69
C ARG A 220 6.23 -20.67 -6.04
N ASN A 221 5.99 -21.80 -6.70
CA ASN A 221 5.17 -22.81 -6.09
C ASN A 221 6.09 -23.86 -5.50
N ASN A 222 6.24 -23.80 -4.18
CA ASN A 222 7.23 -24.65 -3.50
C ASN A 222 6.59 -25.68 -2.61
N GLY A 223 5.30 -25.93 -2.83
CA GLY A 223 4.57 -27.03 -2.23
C GLY A 223 3.90 -26.83 -0.86
N TYR A 224 4.27 -25.76 -0.17
CA TYR A 224 3.83 -25.51 1.23
C TYR A 224 3.74 -24.04 1.45
N ALA A 225 2.74 -23.65 2.27
CA ALA A 225 2.65 -22.31 2.82
C ALA A 225 2.70 -22.55 4.32
N ILE A 226 3.86 -22.30 4.89
CA ILE A 226 4.13 -22.77 6.27
C ILE A 226 3.84 -24.28 6.39
N SER A 227 2.77 -24.68 7.10
CA SER A 227 2.47 -26.10 7.27
C SER A 227 1.51 -26.63 6.23
N THR A 228 0.97 -25.73 5.42
CA THR A 228 -0.20 -26.08 4.63
C THR A 228 0.26 -26.58 3.29
N PRO A 229 -0.05 -27.84 2.95
CA PRO A 229 0.35 -28.39 1.66
C PRO A 229 -0.56 -27.83 0.56
N THR A 230 -0.15 -27.92 -0.71
CA THR A 230 -0.95 -27.29 -1.75
C THR A 230 -2.32 -27.98 -1.90
N SER A 231 -2.47 -29.22 -1.42
CA SER A 231 -3.76 -29.89 -1.45
C SER A 231 -4.81 -29.19 -0.59
N GLU A 232 -4.36 -28.36 0.34
CA GLU A 232 -5.27 -27.58 1.14
C GLU A 232 -5.32 -26.12 0.71
N GLN A 233 -4.51 -25.77 -0.31
CA GLN A 233 -4.39 -24.38 -0.75
C GLN A 233 -5.29 -24.08 -1.93
N TYR A 234 -5.47 -25.08 -2.80
CA TYR A 234 -6.31 -24.92 -4.02
C TYR A 234 -6.63 -26.30 -4.52
N ARG A 235 -7.55 -26.36 -5.49
CA ARG A 235 -7.91 -27.64 -6.07
C ARG A 235 -7.86 -27.62 -7.56
N GLY A 236 -7.59 -26.46 -8.14
CA GLY A 236 -7.37 -26.46 -9.59
C GLY A 236 -5.95 -26.87 -9.89
N ASP A 237 -5.56 -26.67 -11.14
CA ASP A 237 -4.23 -27.06 -11.59
C ASP A 237 -3.21 -25.97 -11.25
N GLY A 238 -2.93 -25.83 -9.97
CA GLY A 238 -1.94 -24.89 -9.50
C GLY A 238 -2.29 -23.44 -9.86
N ILE A 239 -1.26 -22.60 -9.90
CA ILE A 239 -1.51 -21.16 -10.17
C ILE A 239 -1.52 -20.91 -11.68
N ALA A 240 -0.71 -21.66 -12.44
CA ALA A 240 -0.63 -21.35 -13.88
C ALA A 240 -2.01 -21.47 -14.56
N ALA A 241 -2.81 -22.43 -14.12
CA ALA A 241 -4.13 -22.66 -14.76
C ALA A 241 -5.14 -21.51 -14.52
N ARG A 242 -4.84 -20.62 -13.57
CA ARG A 242 -5.70 -19.46 -13.28
C ARG A 242 -5.49 -18.36 -14.32
N GLY A 243 -4.31 -18.33 -14.94
CA GLY A 243 -3.95 -17.12 -15.72
C GLY A 243 -4.88 -16.96 -16.95
N PRO A 244 -5.05 -18.01 -17.76
CA PRO A 244 -5.89 -17.87 -18.96
C PRO A 244 -7.32 -17.35 -18.68
N GLY A 245 -7.86 -17.66 -17.49
CA GLY A 245 -9.20 -17.23 -17.06
C GLY A 245 -9.26 -15.69 -16.98
N TYR A 246 -8.11 -15.06 -16.70
CA TYR A 246 -8.05 -13.60 -16.66
C TYR A 246 -7.61 -13.02 -17.99
N GLY A 247 -7.39 -13.91 -18.97
CA GLY A 247 -6.81 -13.49 -20.25
C GLY A 247 -5.30 -13.27 -20.23
N ILE A 248 -4.59 -13.89 -19.28
CA ILE A 248 -3.13 -13.75 -19.13
C ILE A 248 -2.41 -14.96 -19.74
N MET A 249 -1.46 -14.65 -20.63
CA MET A 249 -0.60 -15.69 -21.18
C MET A 249 0.20 -16.34 -20.07
N SER A 250 0.15 -17.66 -19.98
CA SER A 250 0.68 -18.36 -18.79
C SER A 250 1.58 -19.54 -19.13
N ILE A 251 2.48 -19.88 -18.23
CA ILE A 251 3.42 -20.99 -18.44
C ILE A 251 3.87 -21.55 -17.13
N ARG A 252 4.18 -22.84 -17.08
CA ARG A 252 4.73 -23.46 -15.88
C ARG A 252 6.12 -23.94 -16.20
N VAL A 253 7.06 -23.74 -15.28
CA VAL A 253 8.44 -24.13 -15.58
C VAL A 253 9.00 -24.93 -14.40
N ASP A 254 10.04 -25.69 -14.69
CA ASP A 254 10.79 -26.37 -13.65
C ASP A 254 11.65 -25.32 -12.92
N GLY A 255 11.25 -24.96 -11.70
CA GLY A 255 11.92 -23.86 -11.02
C GLY A 255 13.29 -24.26 -10.52
N ASN A 256 13.63 -25.55 -10.61
CA ASN A 256 14.97 -26.01 -10.24
C ASN A 256 15.93 -26.02 -11.45
N ASP A 257 15.47 -25.48 -12.57
CA ASP A 257 16.25 -25.42 -13.81
C ASP A 257 16.44 -23.98 -14.15
N VAL A 258 17.64 -23.46 -13.89
CA VAL A 258 17.88 -22.03 -14.13
C VAL A 258 17.66 -21.66 -15.58
N PHE A 259 17.96 -22.58 -16.51
CA PHE A 259 17.75 -22.26 -17.93
C PHE A 259 16.28 -22.18 -18.32
N ALA A 260 15.44 -23.05 -17.75
CA ALA A 260 14.00 -23.02 -18.03
C ALA A 260 13.41 -21.73 -17.50
N VAL A 261 13.83 -21.36 -16.29
CA VAL A 261 13.34 -20.14 -15.67
C VAL A 261 13.79 -18.93 -16.52
N TYR A 262 15.08 -18.93 -16.89
CA TYR A 262 15.63 -17.85 -17.71
C TYR A 262 14.84 -17.72 -19.04
N ASN A 263 14.67 -18.84 -19.78
CA ASN A 263 14.03 -18.76 -21.09
C ASN A 263 12.62 -18.19 -20.98
N ALA A 264 11.89 -18.73 -20.01
CA ALA A 264 10.51 -18.29 -19.80
C ALA A 264 10.43 -16.80 -19.43
N THR A 265 11.32 -16.37 -18.52
CA THR A 265 11.31 -14.99 -18.08
C THR A 265 11.73 -14.05 -19.23
N LYS A 266 12.69 -14.50 -20.06
CA LYS A 266 13.26 -13.64 -21.11
C LYS A 266 12.20 -13.37 -22.17
N GLU A 267 11.47 -14.41 -22.55
CA GLU A 267 10.44 -14.30 -23.55
C GLU A 267 9.20 -13.52 -22.96
N ALA A 268 8.83 -13.83 -21.72
CA ALA A 268 7.77 -13.02 -21.09
C ALA A 268 8.13 -11.54 -21.12
N ARG A 269 9.37 -11.20 -20.77
CA ARG A 269 9.77 -9.80 -20.68
C ARG A 269 9.67 -9.15 -22.05
N ARG A 270 10.22 -9.83 -23.06
CA ARG A 270 10.19 -9.31 -24.43
C ARG A 270 8.76 -9.01 -24.86
N ARG A 271 7.85 -9.96 -24.67
CA ARG A 271 6.48 -9.83 -25.10
C ARG A 271 5.67 -8.85 -24.21
N ALA A 272 5.91 -8.88 -22.92
CA ALA A 272 5.14 -7.99 -22.00
C ALA A 272 5.43 -6.51 -22.38
N VAL A 273 6.69 -6.19 -22.65
N VAL A 273 6.69 -6.18 -22.65
CA VAL A 273 7.12 -4.83 -22.97
CA VAL A 273 7.04 -4.82 -22.97
C VAL A 273 6.70 -4.40 -24.39
C VAL A 273 6.56 -4.43 -24.37
N ALA A 274 6.72 -5.34 -25.33
CA ALA A 274 6.32 -5.04 -26.71
C ALA A 274 4.80 -4.82 -26.78
N GLU A 275 4.07 -5.65 -26.06
CA GLU A 275 2.65 -5.85 -26.32
C GLU A 275 1.77 -5.21 -25.25
N ASN A 276 2.40 -4.73 -24.18
CA ASN A 276 1.64 -4.24 -23.00
C ASN A 276 0.61 -5.25 -22.56
N GLN A 277 1.09 -6.43 -22.23
CA GLN A 277 0.21 -7.43 -21.70
C GLN A 277 0.92 -8.25 -20.67
N PRO A 278 0.16 -8.71 -19.71
CA PRO A 278 0.74 -9.47 -18.59
C PRO A 278 1.08 -10.91 -18.94
N PHE A 279 2.10 -11.44 -18.27
CA PHE A 279 2.45 -12.85 -18.41
C PHE A 279 2.52 -13.45 -17.04
N LEU A 280 2.20 -14.72 -16.95
CA LEU A 280 2.27 -15.41 -15.67
C LEU A 280 3.21 -16.62 -15.80
N ILE A 281 4.14 -16.75 -14.87
CA ILE A 281 5.08 -17.89 -14.85
C ILE A 281 4.96 -18.55 -13.52
N GLU A 282 4.60 -19.82 -13.50
CA GLU A 282 4.59 -20.54 -12.22
C GLU A 282 5.81 -21.49 -12.22
N ALA A 283 6.72 -21.23 -11.28
CA ALA A 283 7.98 -21.99 -11.18
C ALA A 283 7.80 -23.03 -10.11
N MET A 284 7.82 -24.31 -10.51
CA MET A 284 7.60 -25.44 -9.61
C MET A 284 8.92 -25.73 -8.93
N THR A 285 8.91 -25.82 -7.61
N THR A 285 8.89 -25.61 -7.61
CA THR A 285 10.15 -26.02 -6.88
CA THR A 285 10.07 -25.82 -6.78
C THR A 285 9.78 -26.81 -5.63
C THR A 285 9.66 -26.56 -5.54
N TYR A 286 10.58 -26.60 -4.60
CA TYR A 286 10.32 -27.25 -3.31
C TYR A 286 11.08 -26.48 -2.23
N ARG A 287 10.38 -26.17 -1.14
CA ARG A 287 10.96 -25.38 -0.05
C ARG A 287 11.81 -26.33 0.79
N ILE A 288 13.11 -26.32 0.57
CA ILE A 288 13.97 -27.28 1.27
C ILE A 288 14.13 -26.92 2.75
N GLY A 289 14.21 -25.63 3.03
CA GLY A 289 14.39 -25.17 4.40
C GLY A 289 13.10 -25.21 5.23
N HIS A 290 13.24 -24.90 6.52
CA HIS A 290 12.06 -24.50 7.32
C HIS A 290 11.43 -23.26 6.69
N HIS A 291 10.16 -23.02 7.05
CA HIS A 291 9.49 -21.83 6.53
C HIS A 291 10.31 -20.58 6.97
N SER A 292 10.79 -20.61 8.21
CA SER A 292 11.55 -19.50 8.81
C SER A 292 12.18 -20.00 10.11
N THR A 293 12.89 -19.10 10.80
CA THR A 293 13.51 -19.50 12.06
C THR A 293 12.46 -19.72 13.12
N SER A 294 11.21 -19.35 12.83
CA SER A 294 10.18 -19.59 13.85
C SER A 294 9.48 -20.94 13.62
N ASP A 295 9.87 -21.63 12.55
CA ASP A 295 9.24 -22.88 12.09
C ASP A 295 10.17 -24.07 12.30
N ASP A 296 9.62 -25.15 12.83
CA ASP A 296 10.31 -26.42 12.76
C ASP A 296 9.47 -27.30 11.83
N SER A 297 9.88 -27.37 10.56
CA SER A 297 9.08 -28.00 9.50
C SER A 297 8.92 -29.52 9.64
N SER A 298 9.75 -30.15 10.47
CA SER A 298 9.59 -31.61 10.72
C SER A 298 8.25 -31.93 11.40
N ALA A 299 7.62 -30.91 11.99
CA ALA A 299 6.26 -31.02 12.59
C ALA A 299 5.10 -31.36 11.60
N TYR A 300 5.32 -31.20 10.27
CA TYR A 300 4.24 -31.36 9.27
C TYR A 300 4.69 -32.00 7.94
N ARG A 301 5.96 -32.42 7.87
CA ARG A 301 6.43 -33.17 6.70
C ARG A 301 7.61 -34.09 7.08
N ASN A 307 16.15 -34.70 2.32
CA ASN A 307 15.09 -34.91 1.33
C ASN A 307 15.60 -35.50 0.02
N TYR A 308 14.63 -36.05 -0.71
CA TYR A 308 14.77 -36.30 -2.15
C TYR A 308 15.18 -35.03 -2.90
N TRP A 309 14.60 -33.89 -2.50
CA TRP A 309 14.84 -32.62 -3.20
C TRP A 309 16.26 -32.11 -3.03
N ASP A 310 16.77 -32.25 -1.81
CA ASP A 310 18.08 -31.71 -1.49
C ASP A 310 19.18 -32.48 -2.20
N LYS A 311 18.97 -33.78 -2.34
CA LYS A 311 20.02 -34.65 -2.84
C LYS A 311 19.83 -35.11 -4.27
N GLN A 312 18.60 -35.04 -4.78
CA GLN A 312 18.29 -35.60 -6.10
C GLN A 312 17.78 -34.59 -7.11
N ASP A 313 17.35 -33.42 -6.63
CA ASP A 313 16.88 -32.39 -7.52
C ASP A 313 17.06 -31.00 -6.88
N HIS A 314 18.29 -30.52 -6.82
CA HIS A 314 18.57 -29.18 -6.23
C HIS A 314 19.02 -28.24 -7.37
N PRO A 315 18.54 -26.99 -7.43
CA PRO A 315 18.94 -26.11 -8.55
C PRO A 315 20.46 -25.86 -8.63
N ILE A 316 21.12 -25.85 -7.49
CA ILE A 316 22.56 -25.50 -7.49
C ILE A 316 23.38 -26.65 -8.04
N SER A 317 22.98 -27.86 -7.63
N SER A 317 23.00 -27.86 -7.64
CA SER A 317 23.65 -29.09 -8.05
CA SER A 317 23.72 -29.05 -8.06
C SER A 317 23.57 -29.26 -9.57
C SER A 317 23.58 -29.25 -9.59
N ARG A 318 22.39 -28.99 -10.09
CA ARG A 318 22.10 -29.10 -11.51
C ARG A 318 22.97 -28.12 -12.30
N LEU A 319 23.02 -26.89 -11.83
CA LEU A 319 23.86 -25.90 -12.49
C LEU A 319 25.33 -26.29 -12.44
N ARG A 320 25.77 -26.79 -11.30
CA ARG A 320 27.15 -27.27 -11.19
C ARG A 320 27.48 -28.37 -12.20
N HIS A 321 26.59 -29.34 -12.36
CA HIS A 321 26.77 -30.38 -13.40
C HIS A 321 26.92 -29.80 -14.79
N TYR A 322 26.14 -28.76 -15.10
CA TYR A 322 26.23 -28.10 -16.39
C TYR A 322 27.60 -27.44 -16.59
N LEU A 323 28.05 -26.70 -15.59
CA LEU A 323 29.39 -26.07 -15.68
C LEU A 323 30.51 -27.08 -15.97
N LEU A 324 30.49 -28.16 -15.21
CA LEU A 324 31.46 -29.24 -15.43
C LEU A 324 31.45 -29.74 -16.89
N SER A 325 30.26 -29.95 -17.47
CA SER A 325 30.09 -30.49 -18.81
C SER A 325 30.68 -29.58 -19.88
N GLN A 326 30.65 -28.28 -19.61
CA GLN A 326 31.25 -27.31 -20.55
C GLN A 326 32.74 -27.16 -20.33
N GLY A 327 33.24 -27.68 -19.21
CA GLY A 327 34.65 -27.45 -18.85
C GLY A 327 34.84 -26.11 -18.21
N TRP A 328 33.76 -25.61 -17.59
CA TRP A 328 33.75 -24.29 -17.05
C TRP A 328 33.98 -24.26 -15.53
N TRP A 329 34.14 -25.43 -14.89
CA TRP A 329 34.32 -25.47 -13.41
C TRP A 329 34.98 -26.79 -13.08
N ASP A 330 35.62 -26.88 -11.92
CA ASP A 330 36.25 -28.13 -11.49
C ASP A 330 36.35 -28.10 -9.96
N GLU A 331 36.88 -29.16 -9.38
CA GLU A 331 36.92 -29.24 -7.91
C GLU A 331 37.81 -28.22 -7.26
N GLU A 332 38.89 -27.87 -7.95
CA GLU A 332 39.82 -26.87 -7.42
C GLU A 332 39.15 -25.49 -7.35
N GLN A 333 38.43 -25.12 -8.41
CA GLN A 333 37.70 -23.86 -8.41
C GLN A 333 36.59 -23.88 -7.39
N GLU A 334 35.95 -25.03 -7.22
CA GLU A 334 34.85 -25.14 -6.30
C GLU A 334 35.38 -24.89 -4.87
N LYS A 335 36.47 -25.55 -4.54
CA LYS A 335 37.15 -25.32 -3.26
C LYS A 335 37.58 -23.86 -3.03
N ALA A 336 38.26 -23.24 -4.00
CA ALA A 336 38.68 -21.84 -3.85
C ALA A 336 37.46 -20.94 -3.67
N TRP A 337 36.37 -21.21 -4.39
CA TRP A 337 35.22 -20.29 -4.34
C TRP A 337 34.51 -20.46 -3.00
N ARG A 338 34.39 -21.72 -2.55
CA ARG A 338 33.84 -22.01 -1.24
C ARG A 338 34.58 -21.16 -0.14
N LYS A 339 35.92 -21.17 -0.20
CA LYS A 339 36.76 -20.38 0.71
C LYS A 339 36.57 -18.87 0.56
N GLN A 340 36.58 -18.38 -0.66
CA GLN A 340 36.46 -16.94 -0.91
C GLN A 340 35.09 -16.41 -0.49
N SER A 341 34.05 -17.16 -0.84
CA SER A 341 32.69 -16.73 -0.48
C SER A 341 32.47 -16.74 1.05
N ARG A 342 32.99 -17.76 1.74
CA ARG A 342 32.93 -17.78 3.20
C ARG A 342 33.62 -16.57 3.78
N ARG A 343 34.84 -16.26 3.27
CA ARG A 343 35.59 -15.09 3.70
C ARG A 343 34.79 -13.80 3.49
N LYS A 344 34.18 -13.65 2.31
CA LYS A 344 33.45 -12.43 1.99
C LYS A 344 32.25 -12.28 2.96
N VAL A 345 31.54 -13.39 3.19
CA VAL A 345 30.33 -13.34 4.05
C VAL A 345 30.73 -13.06 5.51
N MET A 346 31.81 -13.71 5.95
CA MET A 346 32.30 -13.54 7.29
C MET A 346 32.84 -12.10 7.55
N GLU A 347 33.45 -11.48 6.55
CA GLU A 347 33.90 -10.08 6.65
C GLU A 347 32.71 -9.13 6.86
N ALA A 348 31.67 -9.33 6.06
CA ALA A 348 30.46 -8.51 6.17
C ALA A 348 29.77 -8.75 7.53
N PHE A 349 29.72 -10.02 7.93
CA PHE A 349 29.09 -10.40 9.19
C PHE A 349 29.75 -9.70 10.38
N GLU A 350 31.07 -9.79 10.47
CA GLU A 350 31.84 -9.12 11.55
C GLU A 350 31.65 -7.59 11.58
N GLN A 351 31.65 -7.00 10.39
CA GLN A 351 31.43 -5.59 10.30
C GLN A 351 30.03 -5.25 10.81
N ALA A 352 29.04 -6.04 10.38
CA ALA A 352 27.64 -5.70 10.69
C ALA A 352 27.42 -5.80 12.19
N GLU A 353 28.04 -6.80 12.83
CA GLU A 353 27.88 -6.97 14.28
C GLU A 353 28.55 -5.87 15.10
N ARG A 354 29.58 -5.27 14.57
CA ARG A 354 30.26 -4.22 15.31
C ARG A 354 29.61 -2.83 15.16
N LYS A 355 28.83 -2.64 14.12
N LYS A 355 28.84 -2.64 14.10
CA LYS A 355 28.16 -1.35 13.97
CA LYS A 355 28.11 -1.37 13.90
C LYS A 355 27.08 -1.10 15.01
C LYS A 355 27.08 -1.10 15.01
N PRO A 356 26.97 0.14 15.47
CA PRO A 356 25.87 0.50 16.39
C PRO A 356 24.51 0.48 15.67
N LYS A 357 23.45 0.51 16.45
CA LYS A 357 22.10 0.67 15.91
C LYS A 357 21.90 2.18 15.65
N PRO A 358 20.88 2.56 14.88
CA PRO A 358 20.68 3.97 14.57
C PRO A 358 20.16 4.76 15.77
N ASN A 359 20.26 6.08 15.68
CA ASN A 359 19.77 6.93 16.77
C ASN A 359 18.25 6.66 17.03
N PRO A 360 17.83 6.47 18.26
CA PRO A 360 16.40 6.24 18.58
C PRO A 360 15.45 7.34 18.05
N ASN A 361 15.98 8.55 17.81
CA ASN A 361 15.23 9.63 17.08
C ASN A 361 14.59 9.14 15.79
N LEU A 362 15.28 8.22 15.12
CA LEU A 362 14.82 7.73 13.83
C LEU A 362 13.52 6.91 13.97
N LEU A 363 13.04 6.67 15.17
CA LEU A 363 11.77 5.98 15.32
C LEU A 363 10.63 6.87 14.83
N PHE A 364 10.89 8.17 14.80
CA PHE A 364 9.81 9.15 14.54
C PHE A 364 9.82 9.71 13.10
N SER A 365 10.94 9.63 12.38
CA SER A 365 10.96 10.22 11.07
C SER A 365 10.36 9.30 10.00
N ASP A 366 9.92 9.94 8.89
CA ASP A 366 9.39 9.24 7.69
C ASP A 366 8.00 8.62 7.91
N VAL A 367 7.35 8.92 9.04
CA VAL A 367 5.97 8.46 9.24
C VAL A 367 5.14 9.19 8.20
N TYR A 368 5.33 10.51 8.14
CA TYR A 368 4.91 11.37 6.98
C TYR A 368 6.22 11.85 6.42
N GLN A 369 6.16 12.46 5.25
CA GLN A 369 7.44 12.98 4.69
C GLN A 369 8.04 14.00 5.67
N GLU A 370 7.21 14.99 6.06
CA GLU A 370 7.57 15.96 7.05
C GLU A 370 7.27 15.34 8.41
N MET A 371 7.69 16.00 9.50
N MET A 371 7.66 15.98 9.51
CA MET A 371 7.32 15.56 10.85
CA MET A 371 7.27 15.45 10.80
C MET A 371 6.20 16.47 11.38
C MET A 371 6.24 16.41 11.42
N PRO A 372 4.99 15.95 11.58
CA PRO A 372 3.91 16.77 12.16
C PRO A 372 4.31 17.29 13.56
N ALA A 373 3.89 18.49 13.91
CA ALA A 373 4.28 19.10 15.20
C ALA A 373 3.93 18.15 16.36
N GLN A 374 2.79 17.49 16.29
CA GLN A 374 2.42 16.60 17.42
C GLN A 374 3.29 15.36 17.48
N LEU A 375 3.88 14.97 16.34
CA LEU A 375 4.79 13.82 16.36
C LEU A 375 6.13 14.31 16.92
N ARG A 376 6.53 15.53 16.57
CA ARG A 376 7.76 16.11 17.15
C ARG A 376 7.63 16.23 18.68
N LYS A 377 6.44 16.56 19.17
CA LYS A 377 6.22 16.64 20.61
C LYS A 377 6.48 15.28 21.27
N GLN A 378 6.10 14.21 20.55
CA GLN A 378 6.35 12.87 21.06
C GLN A 378 7.84 12.53 21.08
N GLN A 379 8.55 12.93 20.03
CA GLN A 379 9.99 12.77 19.95
C GLN A 379 10.67 13.51 21.10
N GLU A 380 10.23 14.74 21.32
CA GLU A 380 10.75 15.51 22.46
C GLU A 380 10.48 14.84 23.82
N SER A 381 9.33 14.22 23.95
CA SER A 381 8.95 13.57 25.18
C SER A 381 9.89 12.39 25.45
N LEU A 382 10.16 11.60 24.41
CA LEU A 382 11.18 10.55 24.52
C LEU A 382 12.56 11.07 24.95
N ALA A 383 13.00 12.17 24.33
CA ALA A 383 14.31 12.73 24.64
C ALA A 383 14.37 13.11 26.12
N ARG A 384 13.31 13.74 26.62
CA ARG A 384 13.28 14.12 28.04
C ARG A 384 13.27 12.89 28.92
N HIS A 385 12.52 11.89 28.49
CA HIS A 385 12.39 10.65 29.24
C HIS A 385 13.74 9.97 29.38
N LEU A 386 14.53 9.96 28.30
CA LEU A 386 15.81 9.25 28.34
C LEU A 386 16.85 10.04 29.11
N GLN A 387 16.69 11.35 29.18
CA GLN A 387 17.57 12.16 30.01
C GLN A 387 17.45 11.75 31.47
N THR A 388 16.23 11.46 31.91
CA THR A 388 15.99 11.10 33.29
C THR A 388 16.17 9.59 33.58
N TYR A 389 15.65 8.73 32.69
CA TYR A 389 15.56 7.30 32.96
C TYR A 389 16.49 6.46 32.08
N GLY A 390 17.43 7.12 31.41
CA GLY A 390 18.25 6.47 30.36
C GLY A 390 19.01 5.22 30.78
N GLU A 391 19.36 5.15 32.08
CA GLU A 391 20.06 3.98 32.60
C GLU A 391 19.28 2.70 32.40
N HIS A 392 17.96 2.81 32.24
CA HIS A 392 17.07 1.66 32.10
C HIS A 392 16.89 1.25 30.64
N TYR A 393 17.66 1.82 29.72
CA TYR A 393 17.49 1.54 28.30
C TYR A 393 18.81 1.11 27.69
N PRO A 394 18.79 0.35 26.60
CA PRO A 394 20.08 -0.07 25.98
C PRO A 394 20.79 1.02 25.17
N LEU A 395 21.02 2.19 25.76
CA LEU A 395 21.54 3.37 25.06
C LEU A 395 22.96 3.22 24.41
N ASP A 396 23.78 2.35 24.95
CA ASP A 396 25.20 2.25 24.56
C ASP A 396 25.35 1.52 23.24
N HIS A 397 24.25 0.93 22.82
CA HIS A 397 24.13 0.14 21.62
C HIS A 397 23.66 1.00 20.46
N PHE A 398 23.17 2.20 20.78
CA PHE A 398 22.50 3.00 19.80
C PHE A 398 23.32 4.21 19.48
N ASP A 399 23.31 4.60 18.22
CA ASP A 399 24.05 5.78 17.78
C ASP A 399 23.57 7.03 18.52
N LYS A 400 24.54 7.93 18.71
CA LYS A 400 24.46 9.28 19.27
C LYS A 400 23.99 9.22 20.68
N ALA B 2 -34.47 19.45 4.54
CA ALA B 2 -33.04 19.17 4.86
C ALA B 2 -32.76 19.47 6.32
N HIS B 3 -31.80 18.73 6.88
CA HIS B 3 -31.45 18.90 8.29
C HIS B 3 -30.47 20.05 8.47
N PHE B 4 -30.12 20.72 7.36
CA PHE B 4 -29.13 21.77 7.44
C PHE B 4 -29.45 22.77 6.35
N THR B 5 -28.90 23.97 6.49
CA THR B 5 -28.94 24.98 5.44
C THR B 5 -27.52 25.47 5.14
N PHE B 6 -27.16 25.43 3.85
CA PHE B 6 -25.85 25.92 3.42
C PHE B 6 -25.91 27.43 3.26
N GLN B 7 -24.93 28.13 3.82
CA GLN B 7 -24.76 29.57 3.57
C GLN B 7 -23.37 29.88 3.00
N PRO B 8 -23.30 30.63 1.91
CA PRO B 8 -21.99 31.05 1.37
C PRO B 8 -21.37 32.19 2.18
N GLU B 14 -8.63 38.68 -4.15
CA GLU B 14 -8.35 37.35 -3.61
C GLU B 14 -7.72 36.41 -4.65
N TYR B 15 -8.52 35.57 -5.31
CA TYR B 15 -7.98 34.45 -6.11
C TYR B 15 -8.27 34.44 -7.62
N GLY B 16 -8.58 35.60 -8.20
CA GLY B 16 -8.89 35.71 -9.62
C GLY B 16 -10.39 35.53 -9.89
N GLN B 17 -10.74 35.28 -11.15
CA GLN B 17 -12.13 35.15 -11.50
C GLN B 17 -12.75 33.94 -10.78
N THR B 18 -14.00 34.07 -10.38
CA THR B 18 -14.74 32.94 -9.79
C THR B 18 -15.98 32.68 -10.59
N GLN B 19 -16.54 31.49 -10.44
CA GLN B 19 -17.83 31.16 -11.03
C GLN B 19 -18.59 30.45 -9.91
N LYS B 20 -19.92 30.55 -9.93
CA LYS B 20 -20.71 29.80 -8.98
C LYS B 20 -20.52 28.30 -9.29
N MET B 21 -20.20 27.51 -8.26
CA MET B 21 -20.04 26.05 -8.47
C MET B 21 -20.71 25.33 -7.32
N ASN B 22 -21.35 24.18 -7.57
CA ASN B 22 -21.77 23.38 -6.44
C ASN B 22 -20.57 22.50 -6.05
N LEU B 23 -20.76 21.67 -5.03
CA LEU B 23 -19.59 20.91 -4.55
C LEU B 23 -19.07 19.88 -5.60
N PHE B 24 -19.94 19.15 -6.30
CA PHE B 24 -19.40 18.26 -7.32
C PHE B 24 -18.61 19.02 -8.40
N GLN B 25 -19.09 20.21 -8.79
CA GLN B 25 -18.38 20.99 -9.79
C GLN B 25 -17.03 21.49 -9.27
N SER B 26 -16.97 21.85 -7.98
CA SER B 26 -15.70 22.32 -7.41
C SER B 26 -14.69 21.18 -7.44
N VAL B 27 -15.16 19.95 -7.24
CA VAL B 27 -14.26 18.78 -7.29
C VAL B 27 -13.78 18.59 -8.73
N THR B 28 -14.69 18.69 -9.69
CA THR B 28 -14.25 18.58 -11.10
C THR B 28 -13.22 19.66 -11.44
N SER B 29 -13.44 20.88 -10.94
CA SER B 29 -12.54 22.01 -11.21
C SER B 29 -11.15 21.70 -10.63
N ALA B 30 -11.14 21.18 -9.40
CA ALA B 30 -9.86 20.81 -8.78
C ALA B 30 -9.15 19.74 -9.64
N LEU B 31 -9.90 18.73 -10.05
CA LEU B 31 -9.32 17.63 -10.84
C LEU B 31 -8.80 18.09 -12.21
N ASP B 32 -9.59 18.95 -12.85
CA ASP B 32 -9.25 19.51 -14.15
C ASP B 32 -7.96 20.33 -13.98
N ASN B 33 -7.92 21.21 -12.97
CA ASN B 33 -6.68 22.04 -12.78
C ASN B 33 -5.45 21.12 -12.53
N SER B 34 -5.67 20.02 -11.78
CA SER B 34 -4.59 19.09 -11.41
C SER B 34 -4.02 18.41 -12.63
N LEU B 35 -4.89 17.87 -13.49
N LEU B 35 -4.93 17.89 -13.47
CA LEU B 35 -4.36 17.19 -14.67
CA LEU B 35 -4.51 17.18 -14.67
C LEU B 35 -3.74 18.14 -15.67
C LEU B 35 -3.84 18.09 -15.68
N ALA B 36 -4.25 19.38 -15.70
CA ALA B 36 -3.72 20.37 -16.64
C ALA B 36 -2.28 20.66 -16.29
N LYS B 37 -1.98 20.74 -15.01
CA LYS B 37 -0.65 21.20 -14.63
C LYS B 37 0.32 20.08 -14.28
N ASP B 38 -0.15 18.84 -14.21
CA ASP B 38 0.67 17.71 -13.84
C ASP B 38 0.41 16.59 -14.87
N PRO B 39 1.30 16.46 -15.86
CA PRO B 39 1.11 15.49 -16.94
C PRO B 39 1.17 14.04 -16.43
N THR B 40 1.72 13.77 -15.25
CA THR B 40 1.72 12.38 -14.70
C THR B 40 0.36 11.96 -14.11
N ALA B 41 -0.52 12.92 -13.86
CA ALA B 41 -1.70 12.66 -13.03
C ALA B 41 -2.72 11.84 -13.80
N VAL B 42 -3.22 10.81 -13.14
CA VAL B 42 -4.36 10.02 -13.65
C VAL B 42 -5.46 9.90 -12.61
N ILE B 43 -6.68 9.65 -13.09
CA ILE B 43 -7.87 9.48 -12.23
C ILE B 43 -8.52 8.16 -12.63
N PHE B 44 -8.88 7.35 -11.65
CA PHE B 44 -9.42 6.01 -11.96
C PHE B 44 -10.29 5.47 -10.83
N GLY B 45 -11.13 4.49 -11.15
CA GLY B 45 -12.02 3.91 -10.17
C GLY B 45 -13.25 3.43 -10.89
N GLU B 46 -14.26 3.04 -10.12
CA GLU B 46 -15.49 2.53 -10.75
C GLU B 46 -16.32 3.65 -11.39
N ASP B 47 -16.62 3.47 -12.69
CA ASP B 47 -17.58 4.38 -13.39
C ASP B 47 -17.09 5.84 -13.47
N VAL B 48 -15.77 6.07 -13.38
CA VAL B 48 -15.33 7.46 -13.50
C VAL B 48 -15.28 7.93 -14.99
N ALA B 49 -15.23 6.99 -15.94
CA ALA B 49 -15.00 7.39 -17.33
C ALA B 49 -16.15 8.25 -17.90
N PHE B 50 -17.39 7.80 -17.66
CA PHE B 50 -18.55 8.55 -18.14
C PHE B 50 -18.86 9.80 -17.34
N GLY B 51 -18.08 10.07 -16.30
CA GLY B 51 -18.26 11.28 -15.47
C GLY B 51 -18.59 10.97 -14.00
N GLY B 52 -18.70 9.69 -13.68
CA GLY B 52 -18.93 9.31 -12.27
C GLY B 52 -20.38 9.30 -11.84
N VAL B 53 -20.69 8.47 -10.86
CA VAL B 53 -22.08 8.41 -10.37
C VAL B 53 -22.58 9.66 -9.64
N PHE B 54 -21.67 10.55 -9.26
CA PHE B 54 -22.04 11.86 -8.73
C PHE B 54 -21.51 13.02 -9.59
N ARG B 55 -21.21 12.71 -10.85
CA ARG B 55 -20.77 13.67 -11.88
C ARG B 55 -19.46 14.35 -11.58
N CYS B 56 -18.68 13.84 -10.63
CA CYS B 56 -17.43 14.52 -10.29
C CYS B 56 -16.35 14.52 -11.38
N THR B 57 -16.47 13.61 -12.34
CA THR B 57 -15.41 13.55 -13.42
C THR B 57 -15.94 13.84 -14.81
N VAL B 58 -17.08 14.53 -14.90
CA VAL B 58 -17.69 14.84 -16.22
C VAL B 58 -16.72 15.64 -17.07
N GLY B 59 -16.47 15.15 -18.29
CA GLY B 59 -15.73 15.91 -19.30
C GLY B 59 -14.23 15.69 -19.25
N LEU B 60 -13.76 15.07 -18.16
CA LEU B 60 -12.31 14.97 -17.94
C LEU B 60 -11.69 13.93 -18.88
N ARG B 61 -12.38 12.82 -19.13
CA ARG B 61 -11.78 11.82 -20.08
C ARG B 61 -11.71 12.40 -21.48
N ASP B 62 -12.75 13.15 -21.86
CA ASP B 62 -12.70 13.77 -23.20
C ASP B 62 -11.57 14.79 -23.29
N LYS B 63 -11.31 15.51 -22.19
CA LYS B 63 -10.29 16.58 -22.22
C LYS B 63 -8.86 16.02 -22.18
N TYR B 64 -8.66 14.98 -21.38
CA TYR B 64 -7.32 14.50 -21.02
C TYR B 64 -6.95 13.14 -21.57
N GLY B 65 -7.95 12.36 -22.00
CA GLY B 65 -7.62 11.11 -22.69
C GLY B 65 -7.98 9.90 -21.88
N LYS B 66 -8.28 8.84 -22.60
CA LYS B 66 -8.68 7.57 -21.95
C LYS B 66 -7.59 6.92 -21.14
N ASP B 67 -6.32 7.21 -21.44
N ASP B 67 -6.32 7.21 -21.44
CA ASP B 67 -5.24 6.64 -20.61
CA ASP B 67 -5.22 6.67 -20.61
C ASP B 67 -5.11 7.36 -19.25
C ASP B 67 -5.10 7.36 -19.25
N ARG B 68 -5.73 8.54 -19.13
CA ARG B 68 -5.64 9.37 -17.91
C ARG B 68 -6.87 9.44 -17.04
N VAL B 69 -8.04 9.08 -17.58
CA VAL B 69 -9.25 9.06 -16.77
C VAL B 69 -9.96 7.79 -17.18
N PHE B 70 -9.94 6.77 -16.33
CA PHE B 70 -10.40 5.46 -16.82
C PHE B 70 -11.08 4.63 -15.76
N ASN B 71 -11.90 3.69 -16.21
CA ASN B 71 -12.58 2.77 -15.29
C ASN B 71 -11.68 1.59 -14.91
N THR B 72 -11.82 1.12 -13.69
CA THR B 72 -11.16 -0.09 -13.24
C THR B 72 -12.22 -1.15 -13.12
N PRO B 73 -11.75 -2.39 -12.86
CA PRO B 73 -12.63 -3.46 -12.47
C PRO B 73 -13.23 -3.12 -11.09
N LEU B 74 -14.29 -3.81 -10.74
CA LEU B 74 -15.07 -3.51 -9.51
C LEU B 74 -14.37 -4.18 -8.32
N CYS B 75 -13.37 -3.50 -7.76
CA CYS B 75 -12.54 -4.22 -6.78
C CYS B 75 -11.76 -3.21 -5.99
N GLU B 76 -12.27 -2.83 -4.82
CA GLU B 76 -11.64 -1.70 -4.12
C GLU B 76 -10.22 -2.00 -3.62
N GLN B 77 -9.96 -3.24 -3.21
CA GLN B 77 -8.61 -3.55 -2.73
C GLN B 77 -7.66 -3.40 -3.91
N GLY B 78 -8.17 -3.69 -5.11
CA GLY B 78 -7.38 -3.48 -6.32
C GLY B 78 -7.17 -2.00 -6.62
N ILE B 79 -8.24 -1.20 -6.50
CA ILE B 79 -8.14 0.21 -6.84
C ILE B 79 -7.04 0.87 -6.00
N VAL B 80 -7.04 0.57 -4.71
CA VAL B 80 -6.06 1.23 -3.84
C VAL B 80 -4.64 0.67 -4.04
N GLY B 81 -4.53 -0.65 -4.16
CA GLY B 81 -3.20 -1.26 -4.40
C GLY B 81 -2.64 -0.72 -5.72
N PHE B 82 -3.47 -0.69 -6.75
CA PHE B 82 -3.09 -0.12 -8.05
C PHE B 82 -2.62 1.36 -7.91
N GLY B 83 -3.39 2.21 -7.22
CA GLY B 83 -3.02 3.60 -6.96
C GLY B 83 -1.69 3.75 -6.22
N ILE B 84 -1.49 2.91 -5.23
CA ILE B 84 -0.18 2.91 -4.53
C ILE B 84 0.94 2.65 -5.53
N GLY B 85 0.78 1.61 -6.38
CA GLY B 85 1.86 1.27 -7.34
C GLY B 85 2.14 2.40 -8.32
N ILE B 86 1.09 3.06 -8.83
CA ILE B 86 1.34 4.30 -9.65
C ILE B 86 2.18 5.30 -8.87
N ALA B 87 1.77 5.59 -7.64
CA ALA B 87 2.47 6.61 -6.82
C ALA B 87 3.90 6.22 -6.49
N VAL B 88 4.15 4.91 -6.34
CA VAL B 88 5.54 4.42 -6.12
C VAL B 88 6.52 4.88 -7.24
N THR B 89 6.01 5.01 -8.47
CA THR B 89 6.82 5.48 -9.57
C THR B 89 6.94 7.00 -9.60
N GLY B 90 6.20 7.70 -8.75
CA GLY B 90 6.27 9.15 -8.68
C GLY B 90 5.14 9.85 -9.39
N ALA B 91 4.28 9.10 -10.07
CA ALA B 91 3.15 9.70 -10.82
C ALA B 91 1.98 9.98 -9.86
N THR B 92 1.27 11.10 -10.05
CA THR B 92 0.09 11.43 -9.24
C THR B 92 -1.08 10.46 -9.55
N ALA B 93 -1.58 9.82 -8.49
CA ALA B 93 -2.65 8.81 -8.65
C ALA B 93 -3.86 9.30 -7.85
N ILE B 94 -4.98 9.57 -8.53
CA ILE B 94 -6.14 10.10 -7.83
C ILE B 94 -7.20 8.97 -7.95
N ALA B 95 -7.32 8.18 -6.88
CA ALA B 95 -8.21 7.01 -6.93
C ALA B 95 -9.59 7.44 -6.46
N GLU B 96 -10.65 6.85 -7.00
CA GLU B 96 -11.96 7.10 -6.41
C GLU B 96 -12.48 5.83 -5.79
N ILE B 97 -13.11 5.97 -4.60
CA ILE B 97 -13.83 4.85 -4.04
C ILE B 97 -15.29 5.31 -4.03
N GLN B 98 -16.20 4.50 -4.56
CA GLN B 98 -17.45 5.05 -5.03
C GLN B 98 -18.37 5.63 -3.93
N PHE B 99 -18.35 4.98 -2.77
CA PHE B 99 -18.94 5.47 -1.51
C PHE B 99 -17.93 5.17 -0.42
N ALA B 100 -17.82 6.02 0.60
CA ALA B 100 -16.86 5.76 1.70
C ALA B 100 -17.23 4.42 2.39
N ASP B 101 -18.49 4.02 2.34
CA ASP B 101 -18.96 2.79 2.94
C ASP B 101 -18.23 1.57 2.33
N TYR B 102 -17.70 1.74 1.11
CA TYR B 102 -17.09 0.60 0.43
C TYR B 102 -15.59 0.77 0.43
N ILE B 103 -15.08 1.59 1.37
CA ILE B 103 -13.62 1.74 1.44
C ILE B 103 -12.99 0.52 2.16
N PHE B 104 -13.80 -0.18 2.97
CA PHE B 104 -13.27 -1.21 3.84
C PHE B 104 -12.52 -2.37 3.17
N PRO B 105 -12.92 -2.82 1.97
CA PRO B 105 -12.13 -3.84 1.31
C PRO B 105 -10.70 -3.40 1.09
N ALA B 106 -10.50 -2.09 1.01
CA ALA B 106 -9.14 -1.54 0.80
C ALA B 106 -8.45 -1.19 2.12
N PHE B 107 -9.03 -1.56 3.26
CA PHE B 107 -8.52 -1.09 4.55
C PHE B 107 -7.07 -1.58 4.74
N ASP B 108 -6.82 -2.83 4.35
CA ASP B 108 -5.46 -3.38 4.52
C ASP B 108 -4.47 -2.62 3.62
N GLN B 109 -4.84 -2.39 2.36
CA GLN B 109 -3.93 -1.59 1.48
C GLN B 109 -3.71 -0.17 2.04
N ILE B 110 -4.74 0.44 2.63
CA ILE B 110 -4.52 1.79 3.19
C ILE B 110 -3.64 1.73 4.45
N VAL B 111 -4.03 0.88 5.40
CA VAL B 111 -3.44 0.95 6.75
C VAL B 111 -2.09 0.21 6.82
N ASN B 112 -2.05 -0.97 6.24
CA ASN B 112 -0.79 -1.74 6.32
C ASN B 112 0.19 -1.34 5.22
N GLU B 113 -0.32 -0.78 4.13
CA GLU B 113 0.59 -0.49 3.03
C GLU B 113 0.78 1.01 2.83
N ALA B 114 -0.24 1.70 2.33
CA ALA B 114 -0.05 3.12 2.00
C ALA B 114 0.53 3.93 3.18
N ALA B 115 -0.06 3.76 4.36
CA ALA B 115 0.34 4.60 5.50
C ALA B 115 1.78 4.33 5.95
N LYS B 116 2.27 3.11 5.70
CA LYS B 116 3.54 2.66 6.25
C LYS B 116 4.67 2.62 5.19
N TYR B 117 4.32 2.92 3.93
CA TYR B 117 5.24 2.74 2.80
C TYR B 117 6.56 3.50 2.99
N ARG B 118 6.45 4.77 3.40
CA ARG B 118 7.66 5.62 3.50
C ARG B 118 8.49 5.21 4.72
N TYR B 119 7.80 5.05 5.84
CA TYR B 119 8.49 4.73 7.08
C TYR B 119 9.28 3.42 6.96
N ARG B 120 8.63 2.37 6.48
CA ARG B 120 9.21 1.06 6.57
C ARG B 120 10.37 0.88 5.54
N SER B 121 10.46 1.79 4.56
CA SER B 121 11.52 1.72 3.58
C SER B 121 12.67 2.67 3.90
N GLY B 122 12.57 3.40 5.02
CA GLY B 122 13.51 4.43 5.33
C GLY B 122 13.52 5.56 4.30
N ASP B 123 12.37 5.75 3.65
CA ASP B 123 12.20 6.75 2.60
C ASP B 123 12.93 6.34 1.32
N LEU B 124 13.21 5.06 1.13
CA LEU B 124 13.69 4.64 -0.20
C LEU B 124 12.52 4.62 -1.19
N PHE B 125 11.30 4.34 -0.72
CA PHE B 125 10.12 4.33 -1.60
C PHE B 125 9.00 5.01 -0.88
N ASN B 126 8.02 5.53 -1.64
CA ASN B 126 6.85 6.13 -0.98
C ASN B 126 5.67 6.10 -1.90
N CYS B 127 4.50 6.41 -1.36
CA CYS B 127 3.32 6.61 -2.22
C CYS B 127 2.69 7.95 -1.90
N GLY B 128 3.54 8.95 -1.73
CA GLY B 128 3.05 10.31 -1.38
C GLY B 128 2.11 10.92 -2.41
N SER B 129 2.24 10.53 -3.67
CA SER B 129 1.46 11.13 -4.74
C SER B 129 0.11 10.41 -4.95
N LEU B 130 -0.28 9.60 -3.97
CA LEU B 130 -1.64 9.03 -3.97
C LEU B 130 -2.65 9.91 -3.19
N THR B 131 -3.81 10.16 -3.80
CA THR B 131 -4.99 10.65 -3.10
C THR B 131 -6.16 9.72 -3.36
N ILE B 132 -6.94 9.44 -2.32
CA ILE B 132 -8.13 8.59 -2.46
C ILE B 132 -9.31 9.49 -2.17
N ARG B 133 -10.24 9.67 -3.13
CA ARG B 133 -11.38 10.56 -2.81
C ARG B 133 -12.64 9.71 -2.81
N SER B 134 -13.57 10.04 -1.94
CA SER B 134 -14.76 9.18 -1.81
C SER B 134 -15.93 9.98 -1.25
N PRO B 135 -17.14 9.82 -1.83
CA PRO B 135 -18.32 10.40 -1.21
C PRO B 135 -18.58 9.88 0.23
N TRP B 136 -19.14 10.75 1.07
CA TRP B 136 -19.15 10.50 2.53
C TRP B 136 -20.39 11.11 3.15
N GLY B 137 -20.77 10.56 4.31
CA GLY B 137 -21.77 11.19 5.18
C GLY B 137 -23.22 10.91 4.76
N CYS B 138 -24.14 11.30 5.61
CA CYS B 138 -25.55 10.96 5.38
C CYS B 138 -26.11 11.66 4.14
N VAL B 139 -27.21 11.11 3.61
CA VAL B 139 -27.83 11.63 2.41
C VAL B 139 -29.37 11.51 2.48
N GLY B 140 -29.92 11.30 3.67
CA GLY B 140 -31.37 11.38 3.85
C GLY B 140 -31.98 9.98 3.80
N HIS B 141 -31.44 9.09 2.95
CA HIS B 141 -32.07 7.75 2.75
C HIS B 141 -31.03 6.72 2.36
N GLY B 142 -29.74 6.97 2.65
CA GLY B 142 -28.64 6.11 2.21
C GLY B 142 -28.53 4.79 3.01
N ALA B 143 -29.19 4.76 4.18
CA ALA B 143 -29.20 3.60 5.05
C ALA B 143 -27.80 3.11 5.40
N LEU B 144 -27.62 1.80 5.50
CA LEU B 144 -26.39 1.35 6.20
C LEU B 144 -25.12 1.54 5.38
N TYR B 145 -25.23 1.50 4.03
CA TYR B 145 -24.07 1.38 3.15
C TYR B 145 -23.95 2.51 2.14
N HIS B 146 -24.72 3.58 2.27
N HIS B 146 -24.77 3.56 2.28
CA HIS B 146 -24.46 4.76 1.44
CA HIS B 146 -24.64 4.76 1.44
C HIS B 146 -24.48 6.05 2.27
C HIS B 146 -24.56 6.05 2.30
N SER B 147 -24.24 5.87 3.58
CA SER B 147 -24.32 6.97 4.55
C SER B 147 -23.12 7.12 5.45
N GLN B 148 -22.20 6.15 5.42
CA GLN B 148 -21.20 6.09 6.53
C GLN B 148 -20.20 7.25 6.52
N SER B 149 -19.64 7.49 7.72
CA SER B 149 -18.55 8.46 7.96
C SER B 149 -17.40 7.72 8.62
N PRO B 150 -16.48 7.15 7.85
CA PRO B 150 -15.45 6.29 8.42
C PRO B 150 -14.19 6.95 8.95
N GLU B 151 -14.20 8.25 9.16
CA GLU B 151 -12.92 8.93 9.42
C GLU B 151 -12.26 8.44 10.70
N ALA B 152 -13.03 8.06 11.73
CA ALA B 152 -12.35 7.63 12.97
C ALA B 152 -11.60 6.33 12.82
N PHE B 153 -12.02 5.50 11.88
CA PHE B 153 -11.26 4.26 11.64
C PHE B 153 -9.86 4.65 11.15
N PHE B 154 -9.79 5.64 10.25
CA PHE B 154 -8.52 6.00 9.65
C PHE B 154 -7.67 6.85 10.60
N ALA B 155 -8.32 7.51 11.56
CA ALA B 155 -7.59 8.49 12.44
C ALA B 155 -6.61 7.75 13.31
N HIS B 156 -6.80 6.42 13.47
CA HIS B 156 -5.89 5.64 14.32
C HIS B 156 -4.70 5.06 13.53
N CYS B 157 -4.50 5.55 12.30
CA CYS B 157 -3.43 5.04 11.43
C CYS B 157 -2.36 6.12 11.07
N PRO B 158 -1.27 6.24 11.85
CA PRO B 158 -0.16 7.14 11.49
C PRO B 158 0.29 6.87 10.04
N GLY B 159 0.49 7.97 9.30
CA GLY B 159 1.09 7.89 7.95
C GLY B 159 0.11 8.24 6.83
N ILE B 160 -1.17 8.38 7.17
CA ILE B 160 -2.12 8.92 6.18
C ILE B 160 -2.70 10.23 6.67
N LYS B 161 -3.21 11.05 5.75
CA LYS B 161 -3.94 12.25 6.15
C LYS B 161 -5.40 12.03 5.72
N VAL B 162 -6.31 12.60 6.49
CA VAL B 162 -7.76 12.43 6.26
C VAL B 162 -8.36 13.83 6.32
N VAL B 163 -9.07 14.23 5.26
CA VAL B 163 -9.46 15.64 5.04
C VAL B 163 -10.89 15.69 4.59
N ILE B 164 -11.69 16.61 5.15
CA ILE B 164 -13.15 16.64 4.85
C ILE B 164 -13.53 18.13 4.70
N PRO B 165 -13.99 18.57 3.53
CA PRO B 165 -14.37 19.99 3.31
C PRO B 165 -15.87 20.23 3.67
N ARG B 166 -16.24 21.49 3.85
CA ARG B 166 -17.63 21.81 4.20
C ARG B 166 -18.41 22.53 3.12
N SER B 167 -17.76 22.83 2.01
CA SER B 167 -18.36 23.67 0.98
C SER B 167 -17.56 23.57 -0.34
N PRO B 168 -18.09 24.12 -1.44
CA PRO B 168 -17.40 24.08 -2.74
C PRO B 168 -16.06 24.82 -2.72
N PHE B 169 -16.02 26.01 -2.16
CA PHE B 169 -14.74 26.73 -2.08
C PHE B 169 -13.70 25.94 -1.28
N GLN B 170 -14.14 25.42 -0.14
CA GLN B 170 -13.28 24.62 0.71
C GLN B 170 -12.83 23.33 0.02
N ALA B 171 -13.77 22.68 -0.67
CA ALA B 171 -13.50 21.40 -1.30
C ALA B 171 -12.40 21.53 -2.36
N LYS B 172 -12.49 22.52 -3.24
CA LYS B 172 -11.47 22.63 -4.31
C LYS B 172 -10.09 22.92 -3.73
N GLY B 173 -10.02 23.87 -2.79
CA GLY B 173 -8.72 24.24 -2.15
C GLY B 173 -8.10 23.08 -1.37
N LEU B 174 -8.92 22.36 -0.59
CA LEU B 174 -8.41 21.23 0.20
C LEU B 174 -8.06 20.05 -0.70
N LEU B 175 -8.85 19.85 -1.76
CA LEU B 175 -8.56 18.72 -2.69
C LEU B 175 -7.24 18.97 -3.42
N LEU B 176 -7.03 20.19 -3.90
CA LEU B 176 -5.73 20.48 -4.53
C LEU B 176 -4.58 20.28 -3.55
N SER B 177 -4.76 20.69 -2.30
CA SER B 177 -3.72 20.45 -1.31
C SER B 177 -3.47 18.95 -1.11
N CYS B 178 -4.54 18.15 -1.05
CA CYS B 178 -4.35 16.70 -0.88
C CYS B 178 -3.54 16.15 -2.06
N ILE B 179 -3.94 16.58 -3.26
CA ILE B 179 -3.37 16.01 -4.47
C ILE B 179 -1.86 16.31 -4.50
N GLU B 180 -1.49 17.50 -4.05
CA GLU B 180 -0.13 17.96 -4.13
C GLU B 180 0.71 17.61 -2.87
N ASP B 181 0.04 17.22 -1.80
CA ASP B 181 0.72 16.87 -0.53
C ASP B 181 1.57 15.64 -0.78
N LYS B 182 2.70 15.54 -0.08
CA LYS B 182 3.61 14.41 -0.30
C LYS B 182 3.34 13.21 0.64
N ASN B 183 2.07 12.96 0.93
CA ASN B 183 1.66 11.87 1.80
C ASN B 183 0.34 11.32 1.26
N PRO B 184 0.09 10.01 1.43
CA PRO B 184 -1.19 9.47 0.99
C PRO B 184 -2.32 10.14 1.75
N CYS B 185 -3.30 10.65 1.02
CA CYS B 185 -4.41 11.39 1.63
C CYS B 185 -5.75 10.73 1.28
N ILE B 186 -6.69 10.73 2.23
CA ILE B 186 -8.08 10.37 1.95
C ILE B 186 -8.89 11.64 2.03
N PHE B 187 -9.65 11.91 0.97
CA PHE B 187 -10.41 13.16 0.89
C PHE B 187 -11.89 12.75 0.85
N PHE B 188 -12.65 13.03 1.90
CA PHE B 188 -14.05 12.57 1.98
C PHE B 188 -14.96 13.73 1.56
N GLU B 189 -15.78 13.50 0.55
CA GLU B 189 -16.63 14.55 -0.04
C GLU B 189 -18.04 14.40 0.49
N PRO B 190 -18.58 15.34 1.27
CA PRO B 190 -19.94 15.12 1.82
C PRO B 190 -20.99 15.11 0.72
N LYS B 191 -21.56 13.94 0.44
CA LYS B 191 -22.34 13.82 -0.78
C LYS B 191 -23.65 14.57 -0.73
N ILE B 192 -24.19 14.85 0.46
N ILE B 192 -24.16 14.87 0.48
CA ILE B 192 -25.46 15.58 0.53
CA ILE B 192 -25.44 15.58 0.62
C ILE B 192 -25.26 16.98 -0.05
C ILE B 192 -25.27 17.03 0.15
N LEU B 193 -24.00 17.43 -0.03
CA LEU B 193 -23.66 18.81 -0.50
C LEU B 193 -23.33 18.86 -1.96
N TYR B 194 -23.25 17.72 -2.63
CA TYR B 194 -22.80 17.75 -4.01
C TYR B 194 -23.59 18.74 -4.86
N ARG B 195 -24.91 18.75 -4.69
CA ARG B 195 -25.76 19.67 -5.47
C ARG B 195 -26.28 20.81 -4.61
N ALA B 196 -26.42 20.57 -3.32
CA ALA B 196 -27.07 21.49 -2.42
C ALA B 196 -26.28 22.74 -2.10
N ALA B 197 -24.96 22.60 -1.98
CA ALA B 197 -24.12 23.73 -1.58
C ALA B 197 -23.51 24.27 -2.86
N ALA B 198 -23.74 25.56 -3.14
CA ALA B 198 -23.12 26.25 -4.32
C ALA B 198 -22.67 27.64 -3.94
N GLU B 199 -21.49 28.05 -4.37
CA GLU B 199 -20.99 29.38 -4.04
C GLU B 199 -19.91 29.73 -5.04
N GLU B 200 -19.35 30.92 -4.93
CA GLU B 200 -18.28 31.31 -5.82
C GLU B 200 -17.00 30.53 -5.55
N VAL B 201 -16.42 29.99 -6.62
CA VAL B 201 -15.16 29.22 -6.56
C VAL B 201 -14.20 29.72 -7.65
N PRO B 202 -12.95 30.07 -7.28
CA PRO B 202 -11.94 30.48 -8.27
C PRO B 202 -11.78 29.41 -9.35
N ILE B 203 -11.76 29.85 -10.61
CA ILE B 203 -11.53 29.02 -11.77
C ILE B 203 -10.13 28.39 -11.80
N GLU B 204 -9.15 29.19 -11.36
CA GLU B 204 -7.75 28.79 -11.38
C GLU B 204 -7.42 28.16 -10.03
N PRO B 205 -6.36 27.35 -10.00
CA PRO B 205 -6.03 26.61 -8.81
C PRO B 205 -5.57 27.47 -7.63
N TYR B 206 -5.87 26.99 -6.42
CA TYR B 206 -5.51 27.65 -5.19
C TYR B 206 -5.48 26.55 -4.16
N ASN B 207 -4.81 26.81 -3.04
CA ASN B 207 -4.68 25.80 -2.01
C ASN B 207 -5.18 26.29 -0.68
N ILE B 208 -5.77 25.37 0.08
CA ILE B 208 -6.07 25.60 1.48
C ILE B 208 -5.21 24.61 2.29
N PRO B 209 -4.54 25.06 3.35
CA PRO B 209 -3.59 24.19 4.07
C PRO B 209 -4.30 23.09 4.82
N LEU B 210 -3.61 21.94 4.84
CA LEU B 210 -4.04 20.79 5.63
C LEU B 210 -3.58 21.00 7.07
N SER B 211 -4.19 20.24 7.99
CA SER B 211 -3.88 20.28 9.44
C SER B 211 -4.13 21.66 9.95
N GLN B 212 -5.07 22.38 9.36
CA GLN B 212 -5.43 23.74 9.84
C GLN B 212 -6.95 23.87 9.96
N ALA B 213 -7.46 24.13 11.18
CA ALA B 213 -8.89 24.33 11.42
C ALA B 213 -9.26 25.75 10.93
N GLU B 214 -10.53 26.03 10.72
CA GLU B 214 -10.93 27.39 10.44
C GLU B 214 -12.00 27.82 11.43
N VAL B 215 -11.71 28.89 12.16
CA VAL B 215 -12.72 29.60 12.96
C VAL B 215 -13.59 30.41 12.02
N ILE B 216 -14.80 29.94 11.76
CA ILE B 216 -15.69 30.63 10.83
C ILE B 216 -16.55 31.67 11.53
N GLN B 217 -16.66 31.62 12.85
CA GLN B 217 -17.41 32.66 13.59
C GLN B 217 -16.79 32.77 14.95
N GLU B 218 -16.37 33.98 15.34
CA GLU B 218 -15.76 34.19 16.64
C GLU B 218 -16.85 34.22 17.71
N GLY B 219 -16.53 33.69 18.89
CA GLY B 219 -17.47 33.72 20.02
C GLY B 219 -16.72 33.61 21.32
N SER B 220 -17.40 33.90 22.43
CA SER B 220 -16.71 34.01 23.72
C SER B 220 -17.18 33.05 24.82
N ASP B 221 -18.34 32.41 24.66
CA ASP B 221 -18.95 31.62 25.73
C ASP B 221 -18.75 30.11 25.55
N VAL B 222 -18.65 29.66 24.31
CA VAL B 222 -18.51 28.23 24.08
C VAL B 222 -17.89 27.99 22.70
N THR B 223 -17.08 26.94 22.61
CA THR B 223 -16.50 26.54 21.35
C THR B 223 -17.29 25.35 20.78
N LEU B 224 -17.64 25.41 19.49
CA LEU B 224 -18.33 24.28 18.81
C LEU B 224 -17.43 23.82 17.66
N VAL B 225 -17.22 22.50 17.53
CA VAL B 225 -16.31 21.94 16.54
C VAL B 225 -17.09 20.88 15.76
N ALA B 226 -16.98 20.92 14.43
CA ALA B 226 -17.52 19.88 13.59
C ALA B 226 -16.72 19.92 12.29
N TRP B 227 -17.13 19.10 11.36
CA TRP B 227 -16.54 19.03 10.00
C TRP B 227 -17.62 18.52 9.04
N GLY B 228 -17.38 18.70 7.73
CA GLY B 228 -18.35 18.34 6.68
C GLY B 228 -19.65 19.11 6.86
N THR B 229 -20.76 18.46 6.50
CA THR B 229 -22.08 19.08 6.60
C THR B 229 -22.38 19.54 8.00
N GLN B 230 -21.84 18.83 8.99
CA GLN B 230 -22.16 19.15 10.36
C GLN B 230 -21.71 20.57 10.77
N VAL B 231 -20.76 21.14 10.05
CA VAL B 231 -20.38 22.55 10.31
C VAL B 231 -21.58 23.48 10.10
N HIS B 232 -22.40 23.15 9.10
CA HIS B 232 -23.60 24.00 8.87
C HIS B 232 -24.61 23.83 9.99
N VAL B 233 -24.70 22.62 10.52
CA VAL B 233 -25.59 22.39 11.68
C VAL B 233 -25.13 23.21 12.89
N ILE B 234 -23.83 23.18 13.20
CA ILE B 234 -23.40 23.91 14.38
C ILE B 234 -23.44 25.43 14.16
N ARG B 235 -23.31 25.86 12.91
CA ARG B 235 -23.47 27.28 12.60
C ARG B 235 -24.89 27.71 12.97
N GLU B 236 -25.88 26.92 12.58
N GLU B 236 -25.87 26.90 12.59
CA GLU B 236 -27.27 27.22 12.95
CA GLU B 236 -27.27 27.16 12.91
C GLU B 236 -27.44 27.15 14.45
C GLU B 236 -27.50 27.09 14.42
N VAL B 237 -26.84 26.14 15.09
CA VAL B 237 -26.90 26.03 16.54
C VAL B 237 -26.37 27.28 17.25
N ALA B 238 -25.31 27.84 16.70
CA ALA B 238 -24.72 29.11 17.19
C ALA B 238 -25.75 30.23 17.12
N SER B 239 -26.51 30.24 16.02
CA SER B 239 -27.58 31.24 15.82
C SER B 239 -28.72 31.05 16.83
N MET B 240 -29.11 29.78 17.03
CA MET B 240 -30.16 29.44 17.99
C MET B 240 -29.73 29.87 19.40
N ALA B 241 -28.46 29.62 19.74
CA ALA B 241 -27.97 29.93 21.07
C ALA B 241 -27.92 31.42 21.29
N LYS B 242 -27.53 32.16 20.26
CA LYS B 242 -27.48 33.62 20.41
C LYS B 242 -28.89 34.11 20.70
N GLU B 243 -29.82 33.70 19.84
CA GLU B 243 -31.18 34.20 19.90
C GLU B 243 -31.93 33.75 21.16
N LYS B 244 -31.88 32.46 21.47
CA LYS B 244 -32.65 31.90 22.57
C LYS B 244 -31.99 32.05 23.93
N LEU B 245 -30.67 32.02 23.98
CA LEU B 245 -29.97 32.00 25.28
C LEU B 245 -29.03 33.18 25.52
N GLY B 246 -28.83 34.04 24.52
CA GLY B 246 -27.87 35.12 24.64
C GLY B 246 -26.45 34.60 24.81
N VAL B 247 -26.18 33.42 24.24
CA VAL B 247 -24.88 32.74 24.34
C VAL B 247 -24.09 32.96 23.06
N SER B 248 -22.82 33.35 23.21
CA SER B 248 -21.91 33.65 22.11
C SER B 248 -21.06 32.40 21.79
N CYS B 249 -21.24 31.82 20.60
CA CYS B 249 -20.53 30.59 20.23
C CYS B 249 -19.45 30.85 19.22
N GLU B 250 -18.29 30.22 19.44
CA GLU B 250 -17.19 30.22 18.50
C GLU B 250 -17.34 28.95 17.68
N VAL B 251 -17.43 29.10 16.36
CA VAL B 251 -17.77 27.95 15.50
C VAL B 251 -16.54 27.58 14.68
N ILE B 252 -16.08 26.34 14.84
CA ILE B 252 -14.83 25.92 14.20
C ILE B 252 -15.04 24.74 13.31
N ASP B 253 -14.52 24.85 12.08
CA ASP B 253 -14.53 23.70 11.13
C ASP B 253 -13.14 23.05 11.24
N LEU B 254 -13.08 21.79 11.66
CA LEU B 254 -11.79 21.16 11.87
C LEU B 254 -11.00 20.95 10.57
N ARG B 255 -11.73 20.58 9.51
CA ARG B 255 -11.21 20.38 8.10
C ARG B 255 -10.35 19.14 7.97
N THR B 256 -9.24 19.05 8.70
CA THR B 256 -8.39 17.88 8.61
C THR B 256 -8.51 17.05 9.88
N ILE B 257 -8.84 15.78 9.69
CA ILE B 257 -9.05 14.85 10.81
C ILE B 257 -7.70 14.40 11.40
N ILE B 258 -6.80 13.92 10.55
CA ILE B 258 -5.38 13.77 10.99
C ILE B 258 -4.43 14.22 9.92
N PRO B 259 -3.27 14.79 10.30
CA PRO B 259 -2.97 15.29 11.64
C PRO B 259 -3.86 16.52 11.93
N TRP B 260 -4.47 16.57 13.12
CA TRP B 260 -5.47 17.64 13.34
C TRP B 260 -4.85 18.89 13.99
N ASP B 261 -5.53 20.02 13.83
CA ASP B 261 -5.05 21.30 14.37
C ASP B 261 -5.41 21.44 15.87
N VAL B 262 -4.61 20.77 16.70
CA VAL B 262 -4.76 20.79 18.15
C VAL B 262 -4.68 22.24 18.67
N ASP B 263 -3.74 23.03 18.14
CA ASP B 263 -3.50 24.40 18.70
C ASP B 263 -4.70 25.30 18.52
N THR B 264 -5.36 25.22 17.37
CA THR B 264 -6.48 26.16 17.13
C THR B 264 -7.63 25.82 18.06
N ILE B 265 -7.90 24.52 18.24
CA ILE B 265 -9.00 24.12 19.10
C ILE B 265 -8.70 24.49 20.55
N CYS B 266 -7.50 24.17 21.02
CA CYS B 266 -7.12 24.52 22.41
C CYS B 266 -7.12 26.02 22.67
N LYS B 267 -6.61 26.80 21.73
CA LYS B 267 -6.62 28.26 21.86
C LYS B 267 -8.04 28.78 22.07
N SER B 268 -9.01 28.19 21.35
CA SER B 268 -10.41 28.58 21.47
C SER B 268 -11.00 28.24 22.83
N VAL B 269 -10.79 27.00 23.27
CA VAL B 269 -11.32 26.53 24.54
C VAL B 269 -10.65 27.23 25.71
N ILE B 270 -9.37 27.58 25.58
CA ILE B 270 -8.74 28.41 26.62
C ILE B 270 -9.51 29.73 26.79
N LYS B 271 -10.00 30.28 25.68
CA LYS B 271 -10.77 31.52 25.73
C LYS B 271 -12.19 31.32 26.27
N THR B 272 -12.92 30.37 25.67
CA THR B 272 -14.34 30.18 26.00
C THR B 272 -14.60 29.40 27.27
N GLY B 273 -13.73 28.43 27.60
CA GLY B 273 -13.97 27.61 28.78
C GLY B 273 -14.93 26.44 28.56
N ARG B 274 -15.48 26.30 27.35
CA ARG B 274 -16.48 25.24 27.12
C ARG B 274 -16.39 24.72 25.71
N LEU B 275 -16.63 23.41 25.56
CA LEU B 275 -16.50 22.80 24.26
C LEU B 275 -17.57 21.76 24.00
N LEU B 276 -18.13 21.85 22.79
CA LEU B 276 -19.05 20.85 22.27
C LEU B 276 -18.55 20.42 20.91
N ILE B 277 -18.43 19.10 20.71
CA ILE B 277 -17.96 18.54 19.44
C ILE B 277 -19.08 17.70 18.87
N SER B 278 -19.32 17.78 17.56
CA SER B 278 -20.42 17.02 17.00
C SER B 278 -19.98 16.36 15.73
N HIS B 279 -20.45 15.13 15.52
CA HIS B 279 -20.22 14.45 14.24
C HIS B 279 -21.27 13.40 13.96
N GLU B 280 -21.52 13.14 12.66
CA GLU B 280 -22.54 12.14 12.28
C GLU B 280 -22.11 10.72 12.70
N ALA B 281 -20.79 10.46 12.69
CA ALA B 281 -20.32 9.10 12.99
C ALA B 281 -20.78 8.70 14.45
N PRO B 282 -20.91 7.40 14.74
CA PRO B 282 -21.25 6.93 16.08
C PRO B 282 -20.32 7.50 17.14
N LEU B 283 -20.89 7.67 18.31
CA LEU B 283 -20.16 8.22 19.47
C LEU B 283 -18.90 7.37 19.80
N THR B 284 -19.09 6.06 20.02
CA THR B 284 -18.04 5.29 20.68
C THR B 284 -16.89 5.09 19.69
N GLY B 285 -15.69 5.54 20.09
CA GLY B 285 -14.54 5.39 19.15
C GLY B 285 -14.53 6.48 18.06
N GLY B 286 -15.51 7.37 18.06
CA GLY B 286 -15.61 8.49 17.09
C GLY B 286 -14.49 9.47 17.31
N PHE B 287 -14.27 10.35 16.34
CA PHE B 287 -13.10 11.22 16.47
C PHE B 287 -13.30 12.29 17.54
N ALA B 288 -14.57 12.55 17.94
CA ALA B 288 -14.76 13.51 19.04
C ALA B 288 -14.07 13.05 20.31
N SER B 289 -13.93 11.74 20.50
N SER B 289 -13.93 11.74 20.49
CA SER B 289 -13.24 11.24 21.70
CA SER B 289 -13.25 11.22 21.68
C SER B 289 -11.79 11.73 21.75
C SER B 289 -11.77 11.65 21.76
N GLU B 290 -11.11 11.73 20.60
CA GLU B 290 -9.69 12.17 20.54
C GLU B 290 -9.59 13.64 20.83
N ILE B 291 -10.49 14.42 20.23
CA ILE B 291 -10.46 15.87 20.47
C ILE B 291 -10.79 16.17 21.93
N SER B 292 -11.85 15.55 22.48
CA SER B 292 -12.23 15.78 23.87
C SER B 292 -11.09 15.40 24.85
N SER B 293 -10.50 14.21 24.67
N SER B 293 -10.49 14.21 24.68
CA SER B 293 -9.37 13.80 25.54
CA SER B 293 -9.41 13.80 25.60
C SER B 293 -8.25 14.82 25.52
C SER B 293 -8.17 14.72 25.52
N THR B 294 -7.85 15.20 24.32
CA THR B 294 -6.71 16.10 24.14
C THR B 294 -6.98 17.46 24.75
N VAL B 295 -8.19 17.97 24.48
CA VAL B 295 -8.55 19.28 25.04
C VAL B 295 -8.56 19.26 26.56
N GLN B 296 -9.09 18.17 27.14
CA GLN B 296 -9.09 18.02 28.58
C GLN B 296 -7.65 18.03 29.13
N GLU B 297 -6.75 17.39 28.42
CA GLU B 297 -5.35 17.29 28.83
C GLU B 297 -4.66 18.67 28.75
N GLU B 298 -4.97 19.45 27.72
CA GLU B 298 -4.27 20.72 27.53
C GLU B 298 -4.95 21.92 28.20
N CYS B 299 -6.25 21.81 28.47
CA CYS B 299 -7.04 22.98 28.89
C CYS B 299 -7.74 22.72 30.21
N PHE B 300 -7.24 21.76 30.97
CA PHE B 300 -7.89 21.33 32.23
C PHE B 300 -8.27 22.50 33.13
N LEU B 301 -7.34 23.43 33.31
CA LEU B 301 -7.57 24.55 34.22
C LEU B 301 -8.58 25.58 33.68
N ASN B 302 -8.90 25.51 32.39
CA ASN B 302 -9.79 26.49 31.75
C ASN B 302 -11.22 25.95 31.58
N LEU B 303 -11.37 24.64 31.66
CA LEU B 303 -12.65 24.01 31.36
C LEU B 303 -13.64 24.22 32.47
N GLU B 304 -14.79 24.83 32.15
CA GLU B 304 -15.79 25.15 33.17
C GLU B 304 -16.89 24.13 33.30
N ALA B 305 -16.93 23.17 32.37
CA ALA B 305 -18.01 22.19 32.28
C ALA B 305 -17.43 21.00 31.55
N PRO B 306 -18.01 19.80 31.71
CA PRO B 306 -17.56 18.67 30.90
C PRO B 306 -17.74 18.98 29.43
N ILE B 307 -16.79 18.49 28.62
CA ILE B 307 -16.88 18.59 27.18
C ILE B 307 -18.00 17.72 26.66
N SER B 308 -18.83 18.27 25.76
CA SER B 308 -19.98 17.54 25.25
C SER B 308 -19.69 16.92 23.87
N ARG B 309 -20.16 15.70 23.61
CA ARG B 309 -19.99 15.09 22.29
C ARG B 309 -21.41 14.76 21.84
N VAL B 310 -21.84 15.32 20.71
CA VAL B 310 -23.18 15.07 20.17
C VAL B 310 -22.98 14.35 18.85
N CYS B 311 -23.21 13.04 18.87
CA CYS B 311 -22.79 12.20 17.73
C CYS B 311 -23.95 11.28 17.31
N GLY B 312 -23.78 10.60 16.17
CA GLY B 312 -24.65 9.49 15.86
C GLY B 312 -24.68 8.48 17.01
N TYR B 313 -25.77 7.74 17.12
CA TYR B 313 -25.85 6.67 18.13
C TYR B 313 -24.97 5.50 17.73
N ASP B 314 -24.71 4.63 18.69
CA ASP B 314 -23.81 3.48 18.43
C ASP B 314 -24.64 2.36 17.81
N THR B 315 -25.12 2.61 16.58
CA THR B 315 -25.85 1.60 15.81
C THR B 315 -25.36 1.73 14.34
N PRO B 316 -25.72 0.78 13.50
CA PRO B 316 -25.53 0.97 12.05
C PRO B 316 -26.45 2.10 11.59
N PHE B 317 -26.22 2.63 10.41
CA PHE B 317 -26.95 3.83 9.98
C PHE B 317 -28.29 3.45 9.34
N PRO B 318 -29.42 3.82 9.96
CA PRO B 318 -30.71 3.22 9.50
C PRO B 318 -31.32 3.91 8.26
N HIS B 319 -32.15 3.18 7.51
CA HIS B 319 -32.95 3.75 6.44
C HIS B 319 -34.08 4.63 6.99
N ILE B 320 -35.17 4.03 7.48
CA ILE B 320 -36.36 4.85 7.74
C ILE B 320 -36.19 5.75 8.98
N PHE B 321 -35.27 5.39 9.88
CA PHE B 321 -35.10 6.16 11.12
C PHE B 321 -34.08 7.26 10.99
N GLU B 322 -33.55 7.52 9.80
CA GLU B 322 -32.55 8.57 9.69
C GLU B 322 -32.85 9.86 10.45
N PRO B 323 -34.06 10.43 10.34
CA PRO B 323 -34.32 11.71 11.03
C PRO B 323 -34.12 11.67 12.55
N PHE B 324 -34.24 10.48 13.13
CA PHE B 324 -34.07 10.28 14.56
C PHE B 324 -32.66 9.94 14.96
N TYR B 325 -31.83 9.57 13.99
CA TYR B 325 -30.48 9.05 14.24
C TYR B 325 -29.48 10.23 14.28
N ILE B 326 -29.58 11.17 13.33
CA ILE B 326 -28.53 12.16 13.16
C ILE B 326 -28.48 13.16 14.33
N PRO B 327 -27.28 13.64 14.63
CA PRO B 327 -27.10 14.67 15.66
C PRO B 327 -27.49 16.05 15.12
N ASP B 328 -28.81 16.25 15.00
CA ASP B 328 -29.31 17.44 14.32
C ASP B 328 -29.21 18.72 15.15
N LYS B 329 -29.72 19.84 14.63
CA LYS B 329 -29.55 21.09 15.35
C LYS B 329 -30.23 21.09 16.72
N TRP B 330 -31.34 20.36 16.88
CA TRP B 330 -32.07 20.33 18.16
C TRP B 330 -31.30 19.50 19.19
N LYS B 331 -30.73 18.38 18.77
CA LYS B 331 -29.91 17.63 19.69
C LYS B 331 -28.66 18.38 20.10
N CYS B 332 -28.01 19.06 19.15
CA CYS B 332 -26.83 19.88 19.50
C CYS B 332 -27.25 21.04 20.42
N TYR B 333 -28.31 21.74 20.06
CA TYR B 333 -28.80 22.88 20.85
C TYR B 333 -29.08 22.45 22.29
N ASP B 334 -29.76 21.31 22.45
CA ASP B 334 -30.18 20.89 23.79
C ASP B 334 -28.97 20.54 24.65
N ALA B 335 -27.99 19.85 24.05
CA ALA B 335 -26.74 19.56 24.73
C ALA B 335 -26.01 20.83 25.14
N LEU B 336 -25.97 21.79 24.20
CA LEU B 336 -25.35 23.09 24.50
C LEU B 336 -26.06 23.77 25.68
N ARG B 337 -27.39 23.76 25.65
CA ARG B 337 -28.16 24.43 26.67
C ARG B 337 -27.76 23.86 28.06
N LYS B 338 -27.69 22.55 28.15
CA LYS B 338 -27.36 21.89 29.41
C LYS B 338 -25.95 22.23 29.84
N MET B 339 -25.02 22.21 28.89
CA MET B 339 -23.63 22.54 29.17
C MET B 339 -23.50 24.00 29.64
N ILE B 340 -24.22 24.91 29.00
CA ILE B 340 -24.27 26.31 29.46
C ILE B 340 -24.81 26.38 30.90
N ASN B 341 -25.85 25.63 31.21
CA ASN B 341 -26.41 25.60 32.56
C ASN B 341 -25.52 24.95 33.62
N TYR B 342 -24.56 24.15 33.18
CA TYR B 342 -23.74 23.38 34.10
C TYR B 342 -23.12 24.27 35.19
N ALA C 1 4.93 -18.66 22.07
CA ALA C 1 6.08 -18.53 21.14
C ALA C 1 5.88 -19.32 19.84
N TYR C 2 6.41 -18.75 18.78
CA TYR C 2 6.07 -19.13 17.43
C TYR C 2 6.92 -20.31 16.98
N ARG C 3 6.29 -21.24 16.25
CA ARG C 3 6.97 -22.41 15.66
C ARG C 3 6.42 -22.69 14.25
#